data_1QK4
#
_entry.id   1QK4
#
_cell.length_a   84.537
_cell.length_b   102.445
_cell.length_c   108.825
_cell.angle_alpha   90.00
_cell.angle_beta   90.00
_cell.angle_gamma   90.00
#
_symmetry.space_group_name_H-M   'P 21 21 21'
#
loop_
_entity.id
_entity.type
_entity.pdbx_description
1 polymer 'HYPOXANTHINE-GUANINE PHOSPHORIBOSYLTRANSFERASE'
2 non-polymer 'INOSINIC ACID'
3 water water
#
_entity_poly.entity_id   1
_entity_poly.type   'polypeptide(L)'
_entity_poly.pdbx_seq_one_letter_code
;GSHMASKPIEDYGKGKGRIEPMYIPDNTFYNADDFLVPPHCKPYIDKILLPGGLVKDRVEKLAYDIHRTYFGEELHIICI
LKGSRGFFNLLIDYLATIQKYSGRESSVPPFFEHYVRLKSYQNDNSTGQLTVLSDDLSIFRDKHVLIVEDIVDTGFTLTE
FGERLKAVGPKSMRIATLVEKRTDRSNSLKGDFVGFSIEDVWIVGCCYDFNEMFRDFDHVAVLSDAARKKFEK
;
_entity_poly.pdbx_strand_id   A,B,C,D
#
loop_
_chem_comp.id
_chem_comp.type
_chem_comp.name
_chem_comp.formula
IMP non-polymer 'INOSINIC ACID' 'C10 H13 N4 O8 P'
#
# COMPACT_ATOMS: atom_id res chain seq x y z
N MET A 4 6.06 -19.75 -24.47
CA MET A 4 6.06 -19.77 -22.97
C MET A 4 4.73 -20.24 -22.38
N ALA A 5 3.59 -19.65 -22.72
CA ALA A 5 2.30 -19.99 -22.15
C ALA A 5 1.71 -21.34 -22.51
N SER A 6 2.11 -21.96 -23.62
CA SER A 6 1.62 -23.28 -23.98
C SER A 6 2.17 -24.39 -23.07
N LYS A 7 1.36 -25.41 -22.83
CA LYS A 7 1.68 -26.57 -22.00
C LYS A 7 0.61 -27.63 -22.18
N PRO A 8 1.02 -28.88 -22.37
CA PRO A 8 0.11 -30.00 -22.60
C PRO A 8 -0.89 -30.12 -21.46
N ILE A 9 -2.15 -30.31 -21.80
CA ILE A 9 -3.21 -30.44 -20.78
C ILE A 9 -2.96 -31.62 -19.87
N GLU A 10 -2.31 -32.66 -20.37
CA GLU A 10 -1.97 -33.85 -19.61
C GLU A 10 -0.98 -33.55 -18.49
N ASP A 11 -0.18 -32.48 -18.62
CA ASP A 11 0.73 -32.11 -17.54
C ASP A 11 0.05 -31.36 -16.39
N TYR A 12 -1.25 -31.08 -16.44
CA TYR A 12 -1.93 -30.41 -15.35
C TYR A 12 -1.68 -31.09 -14.02
N GLY A 13 -1.27 -30.30 -13.00
CA GLY A 13 -1.07 -30.96 -11.71
C GLY A 13 0.30 -31.61 -11.58
N LYS A 14 1.14 -31.60 -12.62
CA LYS A 14 2.46 -32.20 -12.37
C LYS A 14 3.52 -31.21 -11.93
N GLY A 15 3.25 -29.91 -12.01
CA GLY A 15 4.26 -28.93 -11.64
C GLY A 15 5.51 -29.17 -12.48
N LYS A 16 5.29 -29.56 -13.75
CA LYS A 16 6.43 -29.83 -14.61
C LYS A 16 7.16 -28.58 -15.05
N GLY A 17 8.47 -28.57 -14.86
CA GLY A 17 9.33 -27.43 -15.22
C GLY A 17 9.11 -26.25 -14.24
N ARG A 18 8.55 -26.46 -13.08
CA ARG A 18 8.26 -25.29 -12.20
C ARG A 18 9.47 -24.77 -11.48
N ILE A 19 9.41 -23.52 -11.01
CA ILE A 19 10.44 -22.95 -10.14
C ILE A 19 10.05 -23.40 -8.73
N GLU A 20 10.87 -24.15 -8.04
CA GLU A 20 10.49 -24.70 -6.73
C GLU A 20 10.12 -23.61 -5.76
N PRO A 21 9.17 -23.88 -4.86
CA PRO A 21 8.75 -22.82 -3.95
C PRO A 21 9.77 -22.47 -2.88
N MET A 22 9.57 -21.37 -2.14
CA MET A 22 10.41 -21.19 -0.94
C MET A 22 10.11 -22.31 0.02
N TYR A 23 11.16 -22.95 0.56
CA TYR A 23 11.01 -24.06 1.49
C TYR A 23 11.15 -23.64 2.94
N ILE A 24 10.10 -23.76 3.69
CA ILE A 24 10.08 -23.41 5.11
C ILE A 24 10.31 -24.72 5.86
N PRO A 25 11.42 -24.85 6.59
CA PRO A 25 11.70 -26.10 7.29
C PRO A 25 10.71 -26.40 8.36
N ASP A 26 10.62 -27.68 8.79
CA ASP A 26 9.70 -28.03 9.86
C ASP A 26 10.04 -27.22 11.13
N ASN A 27 9.09 -26.93 11.95
CA ASN A 27 9.25 -26.28 13.24
C ASN A 27 10.00 -24.95 13.15
N THR A 28 9.69 -24.16 12.13
CA THR A 28 10.33 -22.87 11.91
C THR A 28 9.21 -21.82 11.87
N PHE A 29 9.19 -21.01 12.93
CA PHE A 29 8.15 -19.99 13.03
C PHE A 29 8.62 -18.74 13.79
N TYR A 30 7.85 -17.67 13.63
CA TYR A 30 8.04 -16.44 14.36
C TYR A 30 7.10 -16.42 15.56
N ASN A 31 7.43 -15.62 16.56
CA ASN A 31 6.58 -15.52 17.74
C ASN A 31 5.53 -14.45 17.53
N ALA A 32 4.30 -14.71 17.94
CA ALA A 32 3.21 -13.76 17.77
C ALA A 32 3.42 -12.50 18.58
N ASP A 33 4.10 -12.57 19.73
CA ASP A 33 4.28 -11.36 20.52
C ASP A 33 5.11 -10.28 19.82
N ASP A 34 5.85 -10.64 18.78
CA ASP A 34 6.67 -9.67 18.05
C ASP A 34 5.84 -8.88 17.02
N PHE A 35 4.57 -9.23 16.84
CA PHE A 35 3.72 -8.61 15.84
C PHE A 35 2.54 -7.94 16.54
N LEU A 36 1.85 -7.07 15.83
CA LEU A 36 0.67 -6.44 16.40
C LEU A 36 -0.55 -7.36 16.20
N VAL A 37 -1.14 -7.98 17.17
CA VAL A 37 -2.25 -8.95 16.98
C VAL A 37 -3.50 -8.32 17.51
N PRO A 38 -4.56 -8.23 16.73
CA PRO A 38 -5.79 -7.54 17.14
C PRO A 38 -6.52 -8.27 18.23
N PRO A 39 -7.27 -7.57 19.07
CA PRO A 39 -7.96 -8.12 20.23
C PRO A 39 -8.72 -9.40 19.96
N HIS A 40 -9.44 -9.47 18.85
CA HIS A 40 -10.19 -10.69 18.57
C HIS A 40 -9.32 -11.89 18.28
N CYS A 41 -8.03 -11.68 17.92
CA CYS A 41 -7.21 -12.84 17.59
C CYS A 41 -6.19 -13.13 18.71
N LYS A 42 -5.97 -12.13 19.54
CA LYS A 42 -4.89 -12.22 20.53
C LYS A 42 -4.82 -13.45 21.39
N PRO A 43 -5.94 -13.95 21.91
CA PRO A 43 -5.92 -15.14 22.76
C PRO A 43 -5.58 -16.42 22.01
N TYR A 44 -5.65 -16.40 20.67
CA TYR A 44 -5.53 -17.59 19.86
C TYR A 44 -4.27 -17.77 19.04
N ILE A 45 -3.54 -16.70 18.78
CA ILE A 45 -2.35 -16.82 17.91
C ILE A 45 -1.05 -16.96 18.71
N ASP A 46 -0.28 -18.04 18.57
CA ASP A 46 0.99 -18.15 19.24
C ASP A 46 2.17 -18.16 18.29
N LYS A 47 2.08 -18.97 17.25
CA LYS A 47 3.13 -19.19 16.32
C LYS A 47 2.77 -18.58 14.95
N ILE A 48 3.68 -17.84 14.38
CA ILE A 48 3.41 -17.24 13.04
C ILE A 48 4.35 -17.96 12.07
N LEU A 49 3.75 -18.66 11.11
CA LEU A 49 4.58 -19.35 10.13
C LEU A 49 5.08 -18.42 9.06
N LEU A 50 4.19 -17.52 8.57
CA LEU A 50 4.52 -16.65 7.47
C LEU A 50 3.97 -15.25 7.77
N PRO A 51 4.89 -14.38 8.12
CA PRO A 51 4.43 -13.00 8.36
C PRO A 51 3.68 -12.49 7.12
N GLY A 52 2.65 -11.69 7.27
CA GLY A 52 1.91 -11.12 6.14
C GLY A 52 2.80 -10.42 5.13
N GLY A 53 3.83 -9.73 5.59
CA GLY A 53 4.77 -9.05 4.69
C GLY A 53 5.66 -10.01 3.90
N LEU A 54 5.98 -11.17 4.46
CA LEU A 54 6.76 -12.17 3.73
C LEU A 54 5.83 -12.71 2.64
N VAL A 55 4.57 -12.92 2.96
CA VAL A 55 3.61 -13.35 1.92
C VAL A 55 3.60 -12.36 0.76
N LYS A 56 3.45 -11.08 1.07
CA LYS A 56 3.43 -10.06 0.02
C LYS A 56 4.70 -10.11 -0.80
N ASP A 57 5.88 -10.17 -0.20
CA ASP A 57 7.14 -10.14 -0.97
C ASP A 57 7.23 -11.37 -1.88
N ARG A 58 6.76 -12.49 -1.41
CA ARG A 58 6.78 -13.76 -2.17
C ARG A 58 5.82 -13.70 -3.36
N VAL A 59 4.64 -13.18 -3.12
CA VAL A 59 3.64 -13.06 -4.19
C VAL A 59 4.14 -12.10 -5.25
N GLU A 60 4.96 -11.09 -4.90
CA GLU A 60 5.54 -10.25 -5.95
C GLU A 60 6.41 -11.08 -6.92
N LYS A 61 7.20 -12.00 -6.37
CA LYS A 61 8.07 -12.82 -7.22
C LYS A 61 7.21 -13.75 -8.10
N LEU A 62 6.19 -14.37 -7.48
CA LEU A 62 5.31 -15.25 -8.23
C LEU A 62 4.59 -14.49 -9.35
N ALA A 63 4.19 -13.26 -9.08
CA ALA A 63 3.53 -12.41 -10.10
C ALA A 63 4.52 -12.14 -11.23
N TYR A 64 5.79 -11.85 -10.96
CA TYR A 64 6.78 -11.69 -11.98
C TYR A 64 6.93 -12.99 -12.79
N ASP A 65 6.99 -14.16 -12.20
CA ASP A 65 7.09 -15.43 -12.90
C ASP A 65 5.91 -15.63 -13.87
N ILE A 66 4.69 -15.33 -13.37
CA ILE A 66 3.49 -15.48 -14.19
C ILE A 66 3.51 -14.53 -15.36
N HIS A 67 3.88 -13.27 -15.07
CA HIS A 67 4.03 -12.24 -16.05
C HIS A 67 4.96 -12.72 -17.19
N ARG A 68 6.05 -13.36 -16.88
CA ARG A 68 6.96 -13.85 -17.91
C ARG A 68 6.30 -15.00 -18.68
N THR A 69 5.74 -15.96 -17.97
CA THR A 69 5.10 -17.09 -18.64
C THR A 69 4.04 -16.68 -19.65
N TYR A 70 3.17 -15.71 -19.31
CA TYR A 70 2.07 -15.41 -20.20
C TYR A 70 2.27 -14.15 -21.04
N PHE A 71 3.51 -13.71 -21.04
CA PHE A 71 3.83 -12.47 -21.73
C PHE A 71 3.35 -12.58 -23.17
N GLY A 72 2.52 -11.63 -23.57
CA GLY A 72 2.02 -11.64 -24.95
C GLY A 72 0.68 -12.31 -25.15
N GLU A 73 0.28 -13.21 -24.27
CA GLU A 73 -0.98 -13.91 -24.40
C GLU A 73 -2.09 -13.38 -23.52
N GLU A 74 -3.29 -13.80 -23.87
CA GLU A 74 -4.50 -13.47 -23.09
C GLU A 74 -4.53 -14.44 -21.91
N LEU A 75 -4.50 -13.92 -20.69
CA LEU A 75 -4.48 -14.77 -19.51
C LEU A 75 -5.79 -14.66 -18.77
N HIS A 76 -6.50 -15.78 -18.60
CA HIS A 76 -7.74 -15.89 -17.87
C HIS A 76 -7.41 -16.48 -16.48
N ILE A 77 -7.58 -15.68 -15.44
CA ILE A 77 -7.12 -16.16 -14.11
C ILE A 77 -8.37 -16.31 -13.29
N ILE A 78 -8.48 -17.46 -12.65
CA ILE A 78 -9.68 -17.83 -11.88
C ILE A 78 -9.41 -17.79 -10.39
N CYS A 79 -10.23 -17.07 -9.66
CA CYS A 79 -10.04 -16.98 -8.20
C CYS A 79 -10.92 -18.03 -7.55
N ILE A 80 -10.35 -18.95 -6.78
CA ILE A 80 -11.14 -19.95 -6.13
C ILE A 80 -11.55 -19.34 -4.79
N LEU A 81 -12.81 -19.07 -4.75
CA LEU A 81 -13.41 -18.41 -3.55
C LEU A 81 -13.62 -19.43 -2.49
N LYS A 82 -13.54 -19.24 -1.18
CA LYS A 82 -13.30 -17.93 -0.59
C LYS A 82 -11.82 -17.72 -0.27
N GLY A 83 -11.09 -18.76 0.06
CA GLY A 83 -9.75 -18.73 0.56
C GLY A 83 -8.72 -18.00 -0.25
N SER A 84 -8.84 -18.07 -1.60
CA SER A 84 -7.79 -17.38 -2.39
C SER A 84 -8.01 -15.91 -2.59
N ARG A 85 -9.05 -15.34 -2.00
CA ARG A 85 -9.35 -13.92 -2.18
C ARG A 85 -8.15 -13.00 -2.04
N GLY A 86 -7.41 -13.08 -0.91
CA GLY A 86 -6.32 -12.14 -0.67
C GLY A 86 -5.10 -12.39 -1.53
N PHE A 87 -4.79 -13.65 -1.81
CA PHE A 87 -3.70 -14.00 -2.71
C PHE A 87 -3.94 -13.49 -4.13
N PHE A 88 -5.18 -13.82 -4.58
CA PHE A 88 -5.62 -13.43 -5.93
C PHE A 88 -5.58 -11.94 -6.04
N ASN A 89 -6.07 -11.19 -5.04
CA ASN A 89 -6.08 -9.72 -5.13
C ASN A 89 -4.68 -9.12 -5.23
N LEU A 90 -3.74 -9.71 -4.46
CA LEU A 90 -2.37 -9.27 -4.53
C LEU A 90 -1.76 -9.56 -5.89
N LEU A 91 -1.98 -10.83 -6.31
CA LEU A 91 -1.51 -11.22 -7.63
C LEU A 91 -1.92 -10.27 -8.73
N ILE A 92 -3.21 -10.01 -8.93
CA ILE A 92 -3.64 -9.18 -10.04
C ILE A 92 -3.16 -7.74 -9.94
N ASP A 93 -2.99 -7.22 -8.74
CA ASP A 93 -2.45 -5.87 -8.50
C ASP A 93 -1.04 -5.86 -9.10
N TYR A 94 -0.23 -6.82 -8.68
CA TYR A 94 1.14 -6.90 -9.17
C TYR A 94 1.16 -7.09 -10.67
N LEU A 95 0.32 -8.04 -11.17
CA LEU A 95 0.40 -8.19 -12.64
C LEU A 95 0.11 -6.90 -13.40
N ALA A 96 -0.88 -6.15 -12.97
CA ALA A 96 -1.25 -4.91 -13.62
C ALA A 96 -0.12 -3.87 -13.44
N THR A 97 0.42 -3.88 -12.23
CA THR A 97 1.52 -2.85 -12.00
C THR A 97 2.73 -3.20 -12.81
N ILE A 98 3.09 -4.50 -12.83
CA ILE A 98 4.23 -4.95 -13.64
C ILE A 98 4.03 -4.53 -15.10
N GLN A 99 2.86 -4.84 -15.65
CA GLN A 99 2.62 -4.50 -17.04
C GLN A 99 2.67 -2.99 -17.28
N LYS A 100 2.06 -2.20 -16.41
CA LYS A 100 2.04 -0.75 -16.54
C LYS A 100 3.44 -0.16 -16.60
N TYR A 101 4.37 -0.73 -15.79
CA TYR A 101 5.71 -0.15 -15.75
C TYR A 101 6.66 -0.83 -16.72
N SER A 102 6.27 -1.87 -17.39
CA SER A 102 7.19 -2.62 -18.25
C SER A 102 7.71 -1.76 -19.40
N GLY A 103 8.87 -2.11 -19.95
CA GLY A 103 9.37 -1.43 -21.15
C GLY A 103 8.40 -1.69 -22.33
N ARG A 104 7.87 -2.90 -22.36
CA ARG A 104 6.87 -3.37 -23.30
C ARG A 104 5.71 -2.40 -23.48
N GLU A 105 4.95 -2.59 -24.54
CA GLU A 105 3.78 -1.77 -24.85
C GLU A 105 2.65 -2.66 -25.37
N SER A 106 2.28 -3.65 -24.55
CA SER A 106 1.19 -4.55 -24.91
C SER A 106 -0.15 -3.83 -25.08
N SER A 107 -1.00 -4.41 -25.92
CA SER A 107 -2.32 -3.87 -26.16
C SER A 107 -3.36 -4.77 -25.46
N VAL A 108 -2.90 -5.90 -24.98
CA VAL A 108 -3.69 -6.90 -24.29
C VAL A 108 -3.68 -6.52 -22.80
N PRO A 109 -4.79 -6.63 -22.12
CA PRO A 109 -4.84 -6.38 -20.68
C PRO A 109 -3.95 -7.42 -20.00
N PRO A 110 -3.51 -7.12 -18.79
CA PRO A 110 -2.66 -8.01 -18.03
C PRO A 110 -3.32 -9.31 -17.64
N PHE A 111 -4.64 -9.34 -17.54
CA PHE A 111 -5.36 -10.56 -17.21
C PHE A 111 -6.84 -10.35 -17.47
N PHE A 112 -7.65 -11.41 -17.44
CA PHE A 112 -9.07 -11.36 -17.43
C PHE A 112 -9.50 -12.07 -16.14
N GLU A 113 -10.25 -11.50 -15.24
CA GLU A 113 -10.58 -12.12 -13.98
C GLU A 113 -11.86 -12.92 -14.03
N HIS A 114 -11.88 -13.99 -13.25
CA HIS A 114 -13.04 -14.86 -13.14
C HIS A 114 -13.06 -15.49 -11.72
N TYR A 115 -14.25 -15.82 -11.23
CA TYR A 115 -14.43 -16.30 -9.87
C TYR A 115 -15.23 -17.60 -9.84
N VAL A 116 -14.78 -18.54 -9.01
CA VAL A 116 -15.55 -19.81 -8.90
C VAL A 116 -15.51 -20.12 -7.41
N ARG A 117 -16.63 -20.46 -6.78
CA ARG A 117 -16.61 -20.91 -5.39
C ARG A 117 -16.58 -22.44 -5.42
N LEU A 118 -15.66 -23.10 -4.72
CA LEU A 118 -15.64 -24.57 -4.69
C LEU A 118 -15.97 -24.96 -3.24
N LYS A 119 -16.65 -26.07 -3.05
CA LYS A 119 -16.94 -26.56 -1.70
C LYS A 119 -16.60 -28.06 -1.76
N SER A 120 -15.58 -28.47 -1.02
CA SER A 120 -15.07 -29.82 -1.05
C SER A 120 -15.46 -30.66 0.16
N TYR A 121 -15.84 -31.89 -0.17
CA TYR A 121 -16.23 -32.87 0.84
C TYR A 121 -15.46 -34.17 0.66
N GLN A 122 -14.43 -34.42 1.47
CA GLN A 122 -13.66 -35.66 1.35
C GLN A 122 -14.12 -36.70 2.36
N GLY A 128 -16.12 -38.85 -2.13
CA GLY A 128 -16.40 -37.46 -1.74
C GLY A 128 -17.19 -36.67 -2.77
N GLN A 129 -17.27 -35.35 -2.54
CA GLN A 129 -18.03 -34.50 -3.48
C GLN A 129 -17.36 -33.15 -3.61
N LEU A 130 -17.57 -32.48 -4.74
CA LEU A 130 -17.01 -31.18 -5.01
C LEU A 130 -18.17 -30.35 -5.59
N THR A 131 -18.60 -29.32 -4.90
CA THR A 131 -19.63 -28.44 -5.45
C THR A 131 -18.92 -27.31 -6.19
N VAL A 132 -19.28 -27.01 -7.42
CA VAL A 132 -18.71 -25.91 -8.18
C VAL A 132 -19.79 -24.84 -8.34
N LEU A 133 -19.64 -23.67 -7.75
CA LEU A 133 -20.61 -22.58 -7.97
C LEU A 133 -19.96 -21.55 -8.89
N SER A 134 -20.38 -21.47 -10.15
CA SER A 134 -19.75 -20.55 -11.07
C SER A 134 -20.66 -20.28 -12.27
N ASP A 135 -20.18 -19.36 -13.07
CA ASP A 135 -20.77 -19.06 -14.35
C ASP A 135 -20.30 -20.18 -15.28
N ASP A 136 -20.93 -20.27 -16.41
CA ASP A 136 -20.59 -21.34 -17.37
C ASP A 136 -19.09 -21.49 -17.58
N LEU A 137 -18.50 -22.69 -17.42
CA LEU A 137 -17.08 -22.86 -17.66
C LEU A 137 -16.67 -22.97 -19.10
N SER A 138 -17.62 -23.10 -20.07
CA SER A 138 -17.25 -23.25 -21.46
C SER A 138 -16.65 -22.00 -22.05
N ILE A 139 -16.65 -20.86 -21.32
CA ILE A 139 -15.91 -19.69 -21.84
C ILE A 139 -14.42 -19.85 -21.81
N PHE A 140 -13.91 -20.91 -21.16
CA PHE A 140 -12.48 -21.20 -21.10
C PHE A 140 -11.95 -22.08 -22.18
N ARG A 141 -12.83 -22.54 -23.10
CA ARG A 141 -12.38 -23.27 -24.26
C ARG A 141 -11.30 -22.47 -24.99
N ASP A 142 -10.23 -23.16 -25.32
CA ASP A 142 -9.10 -22.62 -26.05
C ASP A 142 -8.46 -21.39 -25.42
N LYS A 143 -8.57 -21.23 -24.10
CA LYS A 143 -7.94 -20.09 -23.42
C LYS A 143 -6.78 -20.60 -22.55
N HIS A 144 -5.86 -19.70 -22.23
CA HIS A 144 -4.79 -20.02 -21.28
C HIS A 144 -5.37 -19.68 -19.91
N VAL A 145 -5.50 -20.69 -19.06
CA VAL A 145 -6.19 -20.57 -17.80
C VAL A 145 -5.20 -20.77 -16.62
N LEU A 146 -5.26 -19.80 -15.70
CA LEU A 146 -4.45 -20.01 -14.48
C LEU A 146 -5.40 -20.13 -13.26
N ILE A 147 -5.40 -21.24 -12.54
CA ILE A 147 -6.27 -21.39 -11.39
C ILE A 147 -5.53 -20.88 -10.16
N VAL A 148 -6.19 -20.01 -9.40
CA VAL A 148 -5.51 -19.47 -8.19
C VAL A 148 -6.14 -20.05 -6.95
N GLU A 149 -5.36 -20.72 -6.11
CA GLU A 149 -5.89 -21.37 -4.91
C GLU A 149 -5.08 -20.99 -3.66
N ASP A 150 -5.67 -21.07 -2.50
CA ASP A 150 -4.96 -20.66 -1.28
C ASP A 150 -3.94 -21.67 -0.82
N ILE A 151 -4.32 -22.95 -0.80
CA ILE A 151 -3.33 -23.95 -0.34
C ILE A 151 -3.68 -25.33 -0.90
N VAL A 152 -2.64 -26.10 -1.20
CA VAL A 152 -2.91 -27.48 -1.64
C VAL A 152 -2.53 -28.38 -0.46
N ASP A 153 -3.46 -29.18 0.02
CA ASP A 153 -3.16 -30.14 1.11
C ASP A 153 -3.17 -31.55 0.49
N THR A 154 -4.31 -32.21 0.43
CA THR A 154 -4.42 -33.50 -0.25
C THR A 154 -4.33 -33.39 -1.76
N GLY A 155 -4.70 -32.23 -2.33
CA GLY A 155 -4.70 -32.12 -3.80
C GLY A 155 -6.07 -32.61 -4.32
N PHE A 156 -7.01 -32.98 -3.48
CA PHE A 156 -8.33 -33.47 -3.97
C PHE A 156 -9.11 -32.38 -4.69
N THR A 157 -9.26 -31.23 -4.03
CA THR A 157 -10.00 -30.13 -4.66
C THR A 157 -9.47 -29.78 -6.05
N LEU A 158 -8.16 -29.60 -6.20
CA LEU A 158 -7.66 -29.21 -7.52
C LEU A 158 -7.68 -30.37 -8.52
N THR A 159 -7.52 -31.59 -8.04
CA THR A 159 -7.68 -32.73 -8.99
C THR A 159 -9.10 -32.74 -9.50
N GLU A 160 -10.13 -32.70 -8.68
CA GLU A 160 -11.50 -32.77 -9.18
C GLU A 160 -11.89 -31.57 -10.00
N PHE A 161 -11.42 -30.39 -9.56
CA PHE A 161 -11.83 -29.19 -10.34
C PHE A 161 -11.09 -29.19 -11.65
N GLY A 162 -9.85 -29.66 -11.64
CA GLY A 162 -9.05 -29.76 -12.85
C GLY A 162 -9.79 -30.64 -13.90
N GLU A 163 -10.35 -31.74 -13.44
CA GLU A 163 -11.06 -32.60 -14.41
C GLU A 163 -12.27 -31.90 -14.99
N ARG A 164 -12.99 -31.13 -14.17
CA ARG A 164 -14.18 -30.44 -14.66
C ARG A 164 -13.83 -29.33 -15.62
N LEU A 165 -12.65 -28.74 -15.50
CA LEU A 165 -12.26 -27.68 -16.41
C LEU A 165 -11.66 -28.26 -17.69
N LYS A 166 -11.09 -29.46 -17.61
CA LYS A 166 -10.53 -30.07 -18.83
C LYS A 166 -11.68 -30.36 -19.80
N ALA A 167 -12.86 -30.64 -19.37
CA ALA A 167 -14.05 -30.90 -20.16
C ALA A 167 -14.41 -29.78 -21.10
N VAL A 168 -14.05 -28.52 -20.85
CA VAL A 168 -14.33 -27.48 -21.84
C VAL A 168 -13.21 -27.27 -22.82
N GLY A 169 -12.07 -27.92 -22.71
CA GLY A 169 -10.98 -27.80 -23.66
C GLY A 169 -10.25 -26.47 -23.71
N PRO A 170 -9.66 -26.07 -22.57
CA PRO A 170 -8.81 -24.93 -22.49
C PRO A 170 -7.51 -25.18 -23.25
N LYS A 171 -6.85 -24.09 -23.71
CA LYS A 171 -5.61 -24.18 -24.44
C LYS A 171 -4.51 -24.66 -23.49
N SER A 172 -4.54 -24.12 -22.25
CA SER A 172 -3.58 -24.56 -21.27
C SER A 172 -4.19 -24.32 -19.87
N MET A 173 -3.64 -25.07 -18.91
CA MET A 173 -4.16 -24.95 -17.54
C MET A 173 -2.97 -25.05 -16.56
N ARG A 174 -2.79 -23.99 -15.76
CA ARG A 174 -1.73 -24.06 -14.74
C ARG A 174 -2.36 -23.71 -13.40
N ILE A 175 -1.63 -23.89 -12.28
CA ILE A 175 -2.11 -23.66 -10.97
C ILE A 175 -1.13 -22.75 -10.21
N ALA A 176 -1.72 -21.69 -9.62
CA ALA A 176 -0.90 -20.88 -8.71
C ALA A 176 -1.47 -21.15 -7.31
N THR A 177 -0.62 -21.53 -6.35
CA THR A 177 -1.14 -21.69 -4.98
C THR A 177 -0.13 -21.03 -4.02
N LEU A 178 -0.64 -20.37 -3.01
CA LEU A 178 0.32 -19.64 -2.11
C LEU A 178 1.14 -20.65 -1.34
N VAL A 179 0.53 -21.73 -0.84
CA VAL A 179 1.26 -22.70 -0.06
C VAL A 179 0.95 -24.13 -0.51
N GLU A 180 1.93 -25.05 -0.38
CA GLU A 180 1.62 -26.47 -0.59
C GLU A 180 2.13 -27.17 0.69
N LYS A 181 1.35 -28.09 1.21
CA LYS A 181 1.82 -28.80 2.41
C LYS A 181 2.65 -30.02 2.06
N ARG A 182 3.63 -30.32 2.91
CA ARG A 182 4.46 -31.52 2.74
C ARG A 182 3.70 -32.60 3.52
N THR A 183 2.94 -33.42 2.78
CA THR A 183 2.10 -34.36 3.51
C THR A 183 2.12 -35.78 3.02
N ASP A 184 1.54 -36.69 3.82
CA ASP A 184 1.44 -38.10 3.50
C ASP A 184 0.15 -38.36 2.71
N ARG A 185 -0.84 -37.55 3.07
CA ARG A 185 -2.18 -37.67 2.51
C ARG A 185 -2.31 -37.19 1.08
N SER A 186 -1.30 -36.55 0.51
CA SER A 186 -1.30 -36.02 -0.83
C SER A 186 -1.37 -37.10 -1.92
N ASN A 187 -2.15 -36.75 -2.95
CA ASN A 187 -2.30 -37.58 -4.13
C ASN A 187 -1.22 -37.27 -5.15
N SER A 188 -0.31 -36.34 -4.82
CA SER A 188 0.79 -35.93 -5.65
C SER A 188 0.51 -34.71 -6.51
N LEU A 189 -0.71 -34.14 -6.49
CA LEU A 189 -0.90 -32.95 -7.35
C LEU A 189 -0.03 -31.81 -6.81
N LYS A 190 0.63 -31.05 -7.64
CA LYS A 190 1.42 -29.91 -7.20
C LYS A 190 1.22 -28.74 -8.16
N GLY A 191 1.47 -27.52 -7.67
CA GLY A 191 1.10 -26.33 -8.44
C GLY A 191 2.28 -25.90 -9.29
N ASP A 192 2.00 -25.05 -10.25
CA ASP A 192 3.07 -24.56 -11.13
C ASP A 192 3.73 -23.31 -10.52
N PHE A 193 2.93 -22.49 -9.83
CA PHE A 193 3.52 -21.24 -9.29
C PHE A 193 3.20 -21.35 -7.82
N VAL A 194 4.16 -21.78 -6.96
CA VAL A 194 3.85 -22.00 -5.57
C VAL A 194 4.73 -21.07 -4.69
N GLY A 195 4.08 -20.40 -3.76
CA GLY A 195 4.87 -19.48 -2.93
C GLY A 195 5.72 -20.29 -1.96
N PHE A 196 5.08 -21.08 -1.10
CA PHE A 196 5.81 -21.77 -0.05
C PHE A 196 5.48 -23.26 0.10
N SER A 197 6.48 -24.01 0.53
CA SER A 197 6.32 -25.39 0.94
C SER A 197 6.45 -25.47 2.46
N ILE A 198 5.42 -25.88 3.16
CA ILE A 198 5.40 -25.93 4.58
C ILE A 198 5.15 -27.35 5.12
N GLU A 199 5.44 -27.46 6.41
CA GLU A 199 5.15 -28.78 7.01
C GLU A 199 3.66 -28.98 7.15
N ASP A 200 3.28 -30.23 7.45
CA ASP A 200 1.84 -30.56 7.51
C ASP A 200 1.15 -30.10 8.76
N VAL A 201 0.67 -28.87 8.87
CA VAL A 201 -0.09 -28.31 9.95
C VAL A 201 -1.29 -27.51 9.45
N TRP A 202 -2.32 -27.24 10.27
CA TRP A 202 -3.39 -26.40 9.80
C TRP A 202 -3.01 -24.93 10.05
N ILE A 203 -3.23 -24.08 9.04
CA ILE A 203 -2.83 -22.68 9.16
C ILE A 203 -4.08 -21.81 9.04
N VAL A 204 -4.05 -20.65 9.62
CA VAL A 204 -5.13 -19.67 9.71
C VAL A 204 -4.54 -18.26 9.50
N GLY A 205 -5.33 -17.26 9.12
CA GLY A 205 -4.77 -15.92 8.94
C GLY A 205 -4.49 -15.67 7.46
N CYS A 206 -4.45 -14.43 7.02
CA CYS A 206 -4.21 -14.07 5.63
C CYS A 206 -5.15 -14.82 4.70
N CYS A 207 -6.42 -14.85 5.03
CA CYS A 207 -7.54 -15.46 4.38
C CYS A 207 -7.73 -16.95 4.69
N TYR A 208 -6.74 -17.66 5.19
CA TYR A 208 -6.86 -19.03 5.63
C TYR A 208 -7.83 -19.04 6.80
N ASP A 209 -8.75 -20.03 6.86
CA ASP A 209 -9.69 -20.01 7.98
C ASP A 209 -9.66 -21.29 8.81
N PHE A 210 -10.40 -21.24 9.91
CA PHE A 210 -10.67 -22.44 10.71
C PHE A 210 -12.16 -22.18 11.02
N ASN A 211 -13.03 -22.92 10.34
CA ASN A 211 -14.46 -22.71 10.46
C ASN A 211 -14.87 -21.28 10.26
N GLU A 212 -14.35 -20.63 9.23
CA GLU A 212 -14.72 -19.25 8.88
C GLU A 212 -14.13 -18.20 9.81
N MET A 213 -13.33 -18.59 10.80
CA MET A 213 -12.64 -17.64 11.66
C MET A 213 -11.21 -17.35 11.21
N PHE A 214 -10.69 -16.13 11.52
CA PHE A 214 -9.33 -15.72 11.34
C PHE A 214 -8.93 -15.17 9.98
N ARG A 215 -9.86 -15.12 9.02
CA ARG A 215 -9.49 -14.71 7.68
C ARG A 215 -8.87 -13.32 7.66
N ASP A 216 -9.37 -12.40 8.49
CA ASP A 216 -8.89 -11.02 8.44
C ASP A 216 -7.60 -10.79 9.18
N PHE A 217 -7.07 -11.79 9.89
CA PHE A 217 -5.81 -11.65 10.61
C PHE A 217 -4.72 -11.43 9.56
N ASP A 218 -3.78 -10.52 9.79
CA ASP A 218 -2.78 -10.24 8.76
C ASP A 218 -1.67 -11.23 8.55
N HIS A 219 -1.45 -12.25 9.37
CA HIS A 219 -0.30 -13.09 9.19
C HIS A 219 -0.72 -14.56 9.09
N VAL A 220 0.11 -15.43 8.55
CA VAL A 220 -0.22 -16.85 8.50
C VAL A 220 0.22 -17.49 9.81
N ALA A 221 -0.74 -18.00 10.60
CA ALA A 221 -0.32 -18.61 11.87
C ALA A 221 -0.66 -20.11 11.86
N VAL A 222 -0.11 -20.79 12.86
CA VAL A 222 -0.49 -22.20 13.04
C VAL A 222 -1.70 -22.18 13.96
N LEU A 223 -2.67 -23.05 13.67
CA LEU A 223 -3.85 -23.17 14.50
C LEU A 223 -3.41 -23.67 15.89
N SER A 224 -3.77 -22.93 16.94
CA SER A 224 -3.37 -23.37 18.27
C SER A 224 -4.49 -24.17 18.94
N ASP A 225 -4.14 -24.76 20.07
CA ASP A 225 -5.12 -25.54 20.84
C ASP A 225 -6.21 -24.66 21.38
N ALA A 226 -5.86 -23.43 21.78
CA ALA A 226 -6.88 -22.51 22.27
C ALA A 226 -7.82 -22.20 21.11
N ALA A 227 -7.28 -22.00 19.90
CA ALA A 227 -8.16 -21.68 18.77
C ALA A 227 -9.10 -22.85 18.46
N ARG A 228 -8.55 -24.05 18.35
CA ARG A 228 -9.38 -25.23 18.06
C ARG A 228 -10.56 -25.36 19.03
N LYS A 229 -10.23 -25.54 20.30
CA LYS A 229 -11.26 -25.68 21.34
C LYS A 229 -12.31 -24.58 21.24
N LYS A 230 -11.86 -23.33 21.09
CA LYS A 230 -12.76 -22.21 20.99
C LYS A 230 -13.65 -22.31 19.74
N PHE A 231 -13.05 -22.63 18.59
CA PHE A 231 -13.84 -22.62 17.37
C PHE A 231 -14.16 -23.97 16.76
N GLU A 232 -13.88 -25.08 17.39
CA GLU A 232 -14.21 -26.43 16.94
C GLU A 232 -15.64 -26.54 16.41
N MET B 4 -26.62 1.25 17.20
CA MET B 4 -26.32 1.77 15.85
C MET B 4 -26.56 0.73 14.74
N ALA B 5 -26.23 -0.54 14.97
CA ALA B 5 -26.41 -1.55 13.93
C ALA B 5 -27.86 -1.81 13.55
N SER B 6 -28.76 -1.72 14.53
CA SER B 6 -30.18 -1.91 14.29
C SER B 6 -30.74 -0.89 13.30
N LYS B 7 -31.64 -1.37 12.46
CA LYS B 7 -32.30 -0.54 11.47
C LYS B 7 -33.52 -1.29 10.93
N PRO B 8 -34.68 -0.65 10.88
CA PRO B 8 -35.87 -1.28 10.36
C PRO B 8 -35.64 -1.86 8.98
N ILE B 9 -36.08 -3.07 8.71
CA ILE B 9 -35.93 -3.65 7.37
C ILE B 9 -36.59 -2.84 6.27
N GLU B 10 -37.71 -2.20 6.55
CA GLU B 10 -38.43 -1.40 5.54
C GLU B 10 -37.69 -0.15 5.11
N ASP B 11 -36.59 0.22 5.78
CA ASP B 11 -35.82 1.38 5.37
C ASP B 11 -34.76 0.98 4.32
N TYR B 12 -34.69 -0.31 4.03
CA TYR B 12 -33.74 -0.78 3.04
C TYR B 12 -33.94 -0.04 1.74
N GLY B 13 -32.86 0.56 1.22
CA GLY B 13 -32.99 1.24 -0.09
C GLY B 13 -33.45 2.67 0.00
N LYS B 14 -33.68 3.17 1.20
CA LYS B 14 -34.07 4.56 1.36
C LYS B 14 -32.92 5.48 1.67
N GLY B 15 -31.79 4.89 2.13
CA GLY B 15 -30.67 5.73 2.53
C GLY B 15 -31.11 6.68 3.65
N LYS B 16 -32.02 6.24 4.54
CA LYS B 16 -32.47 7.09 5.63
C LYS B 16 -31.40 7.35 6.67
N GLY B 17 -31.17 8.62 7.02
CA GLY B 17 -30.15 8.93 8.00
C GLY B 17 -28.71 8.74 7.49
N ARG B 18 -28.51 8.65 6.19
CA ARG B 18 -27.13 8.45 5.68
C ARG B 18 -26.37 9.76 5.69
N ILE B 19 -25.05 9.66 5.57
CA ILE B 19 -24.17 10.83 5.39
C ILE B 19 -24.10 10.94 3.86
N GLU B 20 -24.44 12.10 3.30
CA GLU B 20 -24.49 12.26 1.87
C GLU B 20 -23.14 11.98 1.23
N PRO B 21 -23.13 11.44 0.02
CA PRO B 21 -21.87 11.12 -0.65
C PRO B 21 -21.16 12.35 -1.12
N MET B 22 -19.89 12.22 -1.56
CA MET B 22 -19.19 13.38 -2.13
C MET B 22 -19.93 13.70 -3.43
N TYR B 23 -20.20 14.96 -3.70
CA TYR B 23 -20.94 15.31 -4.93
C TYR B 23 -20.05 15.71 -6.08
N ILE B 24 -20.00 15.03 -7.20
CA ILE B 24 -19.12 15.39 -8.31
C ILE B 24 -20.06 16.11 -9.30
N PRO B 25 -19.89 17.40 -9.49
CA PRO B 25 -20.80 18.17 -10.33
C PRO B 25 -20.76 17.73 -11.78
N ASP B 26 -21.83 17.93 -12.55
CA ASP B 26 -21.78 17.59 -13.94
C ASP B 26 -20.52 18.11 -14.65
N ASN B 27 -20.09 17.46 -15.71
CA ASN B 27 -18.93 17.83 -16.51
C ASN B 27 -17.68 18.24 -15.76
N THR B 28 -17.32 17.51 -14.72
CA THR B 28 -16.14 17.74 -13.90
C THR B 28 -15.17 16.58 -14.12
N PHE B 29 -14.08 16.74 -14.80
CA PHE B 29 -13.20 15.61 -15.09
C PHE B 29 -11.74 16.11 -15.04
N TYR B 30 -10.82 15.20 -14.80
CA TYR B 30 -9.39 15.46 -14.93
C TYR B 30 -8.91 14.96 -16.30
N ASN B 31 -7.77 15.51 -16.77
CA ASN B 31 -7.32 15.07 -18.11
C ASN B 31 -6.63 13.74 -18.09
N ALA B 32 -6.92 12.74 -18.89
CA ALA B 32 -6.15 11.50 -18.80
C ALA B 32 -4.65 11.69 -18.93
N ASP B 33 -4.20 12.68 -19.76
CA ASP B 33 -2.78 12.94 -19.95
C ASP B 33 -2.04 13.33 -18.69
N ASP B 34 -2.70 13.76 -17.61
CA ASP B 34 -1.97 14.08 -16.38
C ASP B 34 -1.73 12.85 -15.48
N PHE B 35 -2.17 11.69 -15.90
CA PHE B 35 -1.99 10.44 -15.20
C PHE B 35 -1.20 9.45 -16.01
N LEU B 36 -0.77 8.38 -15.34
CA LEU B 36 -0.06 7.33 -16.07
C LEU B 36 -1.11 6.38 -16.60
N VAL B 37 -1.26 6.29 -17.93
CA VAL B 37 -2.32 5.43 -18.49
C VAL B 37 -1.62 4.32 -19.28
N PRO B 38 -1.80 3.07 -18.90
CA PRO B 38 -1.13 1.97 -19.59
C PRO B 38 -1.57 1.87 -21.03
N PRO B 39 -0.65 1.36 -21.87
CA PRO B 39 -0.81 1.26 -23.31
C PRO B 39 -2.09 0.67 -23.81
N HIS B 40 -2.57 -0.42 -23.21
CA HIS B 40 -3.82 -1.03 -23.64
C HIS B 40 -5.03 -0.15 -23.40
N CYS B 41 -4.94 0.86 -22.55
CA CYS B 41 -6.04 1.77 -22.25
C CYS B 41 -5.82 3.13 -22.90
N LYS B 42 -4.59 3.55 -23.14
CA LYS B 42 -4.32 4.88 -23.66
C LYS B 42 -5.15 5.40 -24.82
N PRO B 43 -5.37 4.65 -25.88
CA PRO B 43 -6.18 5.10 -27.00
C PRO B 43 -7.63 5.42 -26.68
N TYR B 44 -8.19 4.75 -25.68
CA TYR B 44 -9.57 4.80 -25.28
C TYR B 44 -9.99 5.66 -24.09
N ILE B 45 -9.06 6.21 -23.34
CA ILE B 45 -9.41 7.02 -22.15
C ILE B 45 -9.06 8.48 -22.39
N ASP B 46 -9.98 9.42 -22.21
CA ASP B 46 -9.67 10.85 -22.39
C ASP B 46 -9.89 11.62 -21.10
N LYS B 47 -10.99 11.26 -20.44
CA LYS B 47 -11.35 12.01 -19.25
C LYS B 47 -11.43 11.08 -18.04
N ILE B 48 -10.83 11.52 -16.96
CA ILE B 48 -10.82 10.79 -15.71
C ILE B 48 -11.88 11.42 -14.82
N LEU B 49 -12.86 10.65 -14.37
CA LEU B 49 -13.84 11.19 -13.44
C LEU B 49 -13.29 11.16 -12.03
N LEU B 50 -12.78 9.98 -11.61
CA LEU B 50 -12.27 9.80 -10.27
C LEU B 50 -10.88 9.14 -10.29
N PRO B 51 -9.86 9.90 -9.92
CA PRO B 51 -8.52 9.36 -9.81
C PRO B 51 -8.64 8.17 -8.88
N GLY B 52 -7.87 7.11 -9.10
CA GLY B 52 -7.85 5.94 -8.26
C GLY B 52 -7.50 6.31 -6.80
N GLY B 53 -6.57 7.22 -6.58
CA GLY B 53 -6.24 7.61 -5.22
C GLY B 53 -7.43 8.28 -4.54
N LEU B 54 -8.21 9.09 -5.22
CA LEU B 54 -9.40 9.75 -4.69
C LEU B 54 -10.43 8.71 -4.27
N VAL B 55 -10.62 7.69 -5.09
CA VAL B 55 -11.40 6.53 -4.71
C VAL B 55 -10.95 5.96 -3.38
N LYS B 56 -9.63 5.72 -3.21
CA LYS B 56 -9.14 5.12 -1.98
C LYS B 56 -9.37 6.03 -0.79
N ASP B 57 -9.21 7.35 -0.97
CA ASP B 57 -9.41 8.27 0.14
C ASP B 57 -10.86 8.20 0.63
N ARG B 58 -11.77 8.12 -0.33
CA ARG B 58 -13.18 8.11 -0.06
C ARG B 58 -13.60 6.79 0.59
N VAL B 59 -13.00 5.70 0.12
CA VAL B 59 -13.33 4.38 0.72
C VAL B 59 -12.87 4.33 2.17
N GLU B 60 -11.75 5.00 2.47
CA GLU B 60 -11.30 5.04 3.86
C GLU B 60 -12.36 5.72 4.74
N LYS B 61 -12.90 6.84 4.25
CA LYS B 61 -13.94 7.50 5.08
C LYS B 61 -15.14 6.55 5.17
N LEU B 62 -15.59 5.93 4.08
CA LEU B 62 -16.73 5.01 4.21
C LEU B 62 -16.51 3.91 5.22
N ALA B 63 -15.35 3.27 5.18
CA ALA B 63 -14.98 2.21 6.13
C ALA B 63 -15.06 2.72 7.55
N TYR B 64 -14.59 3.95 7.78
CA TYR B 64 -14.71 4.53 9.13
C TYR B 64 -16.18 4.69 9.52
N ASP B 65 -17.04 5.12 8.60
CA ASP B 65 -18.48 5.22 8.87
C ASP B 65 -19.06 3.87 9.18
N ILE B 66 -18.65 2.86 8.42
CA ILE B 66 -19.14 1.49 8.62
C ILE B 66 -18.67 0.92 9.93
N HIS B 67 -17.42 1.19 10.31
CA HIS B 67 -16.85 0.74 11.58
C HIS B 67 -17.69 1.32 12.71
N ARG B 68 -18.06 2.56 12.60
CA ARG B 68 -18.83 3.21 13.68
C ARG B 68 -20.23 2.59 13.76
N THR B 69 -20.88 2.36 12.67
CA THR B 69 -22.22 1.74 12.66
C THR B 69 -22.23 0.37 13.31
N TYR B 70 -21.29 -0.51 12.95
CA TYR B 70 -21.35 -1.87 13.43
C TYR B 70 -20.41 -2.20 14.57
N PHE B 71 -19.87 -1.17 15.20
CA PHE B 71 -18.94 -1.41 16.30
C PHE B 71 -19.52 -2.39 17.30
N GLY B 72 -18.76 -3.44 17.58
CA GLY B 72 -19.10 -4.47 18.53
C GLY B 72 -20.23 -5.38 18.13
N GLU B 73 -20.53 -5.48 16.84
CA GLU B 73 -21.59 -6.30 16.29
C GLU B 73 -21.03 -7.22 15.23
N GLU B 74 -21.65 -8.37 15.05
CA GLU B 74 -21.26 -9.29 14.00
C GLU B 74 -21.76 -8.71 12.68
N LEU B 75 -20.89 -8.60 11.66
CA LEU B 75 -21.24 -7.95 10.41
C LEU B 75 -20.96 -8.87 9.26
N HIS B 76 -22.00 -9.22 8.52
CA HIS B 76 -21.90 -10.10 7.38
C HIS B 76 -21.92 -9.21 6.14
N ILE B 77 -20.79 -9.19 5.43
CA ILE B 77 -20.67 -8.32 4.26
C ILE B 77 -20.63 -9.17 3.02
N ILE B 78 -21.47 -8.76 2.07
CA ILE B 78 -21.64 -9.52 0.81
C ILE B 78 -21.05 -8.74 -0.35
N CYS B 79 -20.08 -9.34 -1.04
CA CYS B 79 -19.48 -8.76 -2.23
C CYS B 79 -20.29 -9.20 -3.45
N ILE B 80 -20.81 -8.25 -4.23
CA ILE B 80 -21.53 -8.60 -5.45
C ILE B 80 -20.46 -8.66 -6.59
N LEU B 81 -20.22 -9.90 -6.92
CA LEU B 81 -19.14 -10.12 -7.94
C LEU B 81 -19.62 -9.79 -9.30
N LYS B 82 -18.99 -9.41 -10.43
CA LYS B 82 -17.55 -9.24 -10.43
C LYS B 82 -17.24 -7.80 -10.01
N GLY B 83 -18.12 -6.87 -10.37
CA GLY B 83 -17.83 -5.48 -10.19
C GLY B 83 -17.39 -4.97 -8.86
N SER B 84 -17.94 -5.42 -7.73
CA SER B 84 -17.56 -4.89 -6.44
C SER B 84 -16.20 -5.33 -5.93
N ARG B 85 -15.54 -6.27 -6.54
CA ARG B 85 -14.27 -6.80 -6.14
C ARG B 85 -13.33 -5.76 -5.56
N GLY B 86 -13.02 -4.74 -6.34
CA GLY B 86 -12.04 -3.72 -5.96
C GLY B 86 -12.49 -2.94 -4.72
N PHE B 87 -13.71 -2.45 -4.73
CA PHE B 87 -14.25 -1.62 -3.63
C PHE B 87 -14.32 -2.46 -2.36
N PHE B 88 -14.86 -3.69 -2.53
CA PHE B 88 -15.00 -4.61 -1.43
C PHE B 88 -13.65 -4.93 -0.81
N ASN B 89 -12.66 -5.22 -1.67
CA ASN B 89 -11.31 -5.55 -1.14
C ASN B 89 -10.72 -4.36 -0.41
N LEU B 90 -10.88 -3.12 -0.90
CA LEU B 90 -10.41 -1.98 -0.17
C LEU B 90 -11.12 -1.76 1.18
N LEU B 91 -12.43 -1.87 1.14
CA LEU B 91 -13.26 -1.68 2.33
C LEU B 91 -12.89 -2.65 3.43
N ILE B 92 -12.77 -3.96 3.12
CA ILE B 92 -12.47 -4.89 4.21
C ILE B 92 -11.03 -4.71 4.70
N ASP B 93 -10.10 -4.31 3.88
CA ASP B 93 -8.73 -4.03 4.35
C ASP B 93 -8.77 -2.86 5.32
N TYR B 94 -9.47 -1.74 5.06
CA TYR B 94 -9.63 -0.62 5.96
C TYR B 94 -10.42 -0.98 7.22
N LEU B 95 -11.51 -1.77 7.07
CA LEU B 95 -12.22 -2.18 8.27
C LEU B 95 -11.29 -2.94 9.23
N ALA B 96 -10.48 -3.85 8.72
CA ALA B 96 -9.58 -4.62 9.60
C ALA B 96 -8.53 -3.71 10.26
N THR B 97 -7.98 -2.80 9.46
CA THR B 97 -6.92 -1.94 9.97
C THR B 97 -7.48 -0.99 11.01
N ILE B 98 -8.68 -0.48 10.75
CA ILE B 98 -9.29 0.44 11.72
C ILE B 98 -9.49 -0.31 13.04
N GLN B 99 -10.03 -1.50 12.91
CA GLN B 99 -10.28 -2.28 14.11
C GLN B 99 -9.00 -2.55 14.86
N LYS B 100 -7.96 -2.93 14.12
CA LYS B 100 -6.69 -3.23 14.74
C LYS B 100 -6.14 -2.04 15.50
N TYR B 101 -6.26 -0.82 14.97
CA TYR B 101 -5.66 0.32 15.64
C TYR B 101 -6.61 1.01 16.60
N SER B 102 -7.88 0.61 16.64
CA SER B 102 -8.82 1.28 17.49
C SER B 102 -8.43 1.21 18.97
N GLY B 103 -8.65 2.33 19.65
CA GLY B 103 -8.32 2.44 21.07
C GLY B 103 -9.37 1.78 21.96
N ARG B 104 -10.47 1.37 21.37
CA ARG B 104 -11.58 0.68 21.98
C ARG B 104 -11.79 -0.68 21.35
N GLU B 105 -11.37 -1.73 22.04
CA GLU B 105 -11.29 -3.08 21.52
C GLU B 105 -12.52 -3.98 21.60
N SER B 106 -12.51 -5.01 20.75
CA SER B 106 -13.61 -5.95 20.65
C SER B 106 -13.18 -7.36 20.37
N SER B 107 -13.89 -8.37 20.87
CA SER B 107 -13.59 -9.76 20.58
C SER B 107 -14.30 -10.30 19.34
N VAL B 108 -15.06 -9.44 18.66
CA VAL B 108 -15.78 -9.78 17.43
C VAL B 108 -14.96 -9.32 16.23
N PRO B 109 -14.75 -10.19 15.25
CA PRO B 109 -14.02 -9.89 14.04
C PRO B 109 -14.64 -8.70 13.33
N PRO B 110 -13.90 -7.93 12.53
CA PRO B 110 -14.43 -6.77 11.85
C PRO B 110 -15.54 -7.07 10.85
N PHE B 111 -15.62 -8.26 10.33
CA PHE B 111 -16.59 -8.70 9.37
C PHE B 111 -16.46 -10.21 9.18
N PHE B 112 -17.43 -10.77 8.45
CA PHE B 112 -17.47 -12.12 7.95
C PHE B 112 -17.81 -11.97 6.45
N GLU B 113 -16.93 -12.42 5.54
CA GLU B 113 -17.14 -12.19 4.12
C GLU B 113 -17.97 -13.23 3.42
N HIS B 114 -18.74 -12.81 2.44
CA HIS B 114 -19.65 -13.60 1.61
C HIS B 114 -19.65 -13.03 0.19
N TYR B 115 -19.88 -13.92 -0.79
CA TYR B 115 -19.79 -13.56 -2.20
C TYR B 115 -21.01 -14.02 -2.98
N VAL B 116 -21.54 -13.15 -3.82
CA VAL B 116 -22.70 -13.52 -4.64
C VAL B 116 -22.39 -12.97 -6.02
N ARG B 117 -22.95 -13.54 -7.06
CA ARG B 117 -22.70 -13.13 -8.41
C ARG B 117 -24.10 -12.77 -8.91
N LEU B 118 -24.22 -11.51 -9.30
CA LEU B 118 -25.56 -11.11 -9.77
C LEU B 118 -25.40 -10.81 -11.26
N LYS B 119 -26.34 -11.30 -12.04
CA LYS B 119 -26.40 -11.10 -13.50
C LYS B 119 -27.76 -10.46 -13.77
N SER B 120 -27.75 -9.18 -14.14
CA SER B 120 -28.97 -8.41 -14.34
C SER B 120 -29.42 -8.31 -15.78
N TYR B 121 -30.74 -8.46 -15.98
CA TYR B 121 -31.32 -8.40 -17.31
C TYR B 121 -32.55 -7.51 -17.35
N GLN B 122 -32.36 -6.24 -17.68
CA GLN B 122 -33.45 -5.27 -17.72
C GLN B 122 -33.94 -4.96 -19.13
N GLY B 128 -36.29 -6.90 -15.34
CA GLY B 128 -36.49 -8.11 -16.12
C GLY B 128 -36.23 -9.35 -15.25
N GLN B 129 -35.03 -9.90 -15.33
CA GLN B 129 -34.68 -11.09 -14.55
C GLN B 129 -33.35 -10.85 -13.85
N LEU B 130 -33.18 -11.48 -12.70
CA LEU B 130 -31.91 -11.44 -12.00
C LEU B 130 -31.47 -12.86 -11.67
N THR B 131 -30.26 -13.20 -12.11
CA THR B 131 -29.68 -14.50 -11.80
C THR B 131 -28.87 -14.35 -10.50
N VAL B 132 -28.81 -15.41 -9.72
CA VAL B 132 -28.00 -15.45 -8.52
C VAL B 132 -27.18 -16.74 -8.50
N LEU B 133 -25.90 -16.48 -8.33
CA LEU B 133 -24.93 -17.55 -8.16
C LEU B 133 -24.38 -17.30 -6.75
N SER B 134 -24.84 -18.13 -5.81
CA SER B 134 -24.43 -17.98 -4.43
C SER B 134 -24.75 -19.22 -3.60
N ASP B 135 -24.15 -19.26 -2.42
CA ASP B 135 -24.46 -20.33 -1.46
C ASP B 135 -25.87 -20.02 -0.98
N ASP B 136 -26.41 -20.87 -0.12
CA ASP B 136 -27.75 -20.68 0.40
C ASP B 136 -27.88 -19.35 1.14
N LEU B 137 -28.91 -18.56 0.89
CA LEU B 137 -29.09 -17.26 1.55
C LEU B 137 -29.65 -17.32 2.96
N SER B 138 -30.12 -18.52 3.33
CA SER B 138 -30.70 -18.69 4.67
C SER B 138 -29.69 -18.39 5.74
N ILE B 139 -28.39 -18.48 5.50
CA ILE B 139 -27.36 -18.09 6.44
C ILE B 139 -27.54 -16.69 6.98
N PHE B 140 -28.14 -15.76 6.24
CA PHE B 140 -28.30 -14.39 6.65
C PHE B 140 -29.43 -14.14 7.61
N ARG B 141 -30.23 -15.18 7.88
CA ARG B 141 -31.29 -15.07 8.86
C ARG B 141 -30.74 -14.54 10.18
N ASP B 142 -31.34 -13.51 10.73
CA ASP B 142 -30.95 -12.90 11.98
C ASP B 142 -29.57 -12.21 12.02
N LYS B 143 -29.00 -11.94 10.86
CA LYS B 143 -27.70 -11.27 10.83
C LYS B 143 -27.77 -9.80 10.41
N HIS B 144 -26.78 -9.00 10.79
CA HIS B 144 -26.68 -7.61 10.31
C HIS B 144 -26.00 -7.79 8.94
N VAL B 145 -26.64 -7.42 7.84
CA VAL B 145 -26.11 -7.63 6.53
C VAL B 145 -25.79 -6.30 5.79
N LEU B 146 -24.58 -6.27 5.21
CA LEU B 146 -24.12 -5.10 4.47
C LEU B 146 -23.79 -5.55 3.04
N ILE B 147 -24.62 -5.11 2.09
CA ILE B 147 -24.44 -5.47 0.70
C ILE B 147 -23.49 -4.46 0.00
N VAL B 148 -22.44 -4.98 -0.61
CA VAL B 148 -21.47 -4.08 -1.29
C VAL B 148 -21.58 -4.17 -2.80
N GLU B 149 -21.91 -3.05 -3.42
CA GLU B 149 -22.15 -2.95 -4.84
C GLU B 149 -21.26 -1.89 -5.50
N ASP B 150 -20.86 -2.11 -6.75
CA ASP B 150 -19.91 -1.11 -7.33
C ASP B 150 -20.60 0.21 -7.59
N ILE B 151 -21.72 0.14 -8.34
CA ILE B 151 -22.46 1.34 -8.67
C ILE B 151 -23.98 1.04 -8.70
N VAL B 152 -24.74 2.04 -8.36
CA VAL B 152 -26.19 1.94 -8.48
C VAL B 152 -26.59 2.85 -9.63
N ASP B 153 -27.30 2.27 -10.57
CA ASP B 153 -27.75 3.04 -11.75
C ASP B 153 -29.28 3.14 -11.66
N THR B 154 -29.97 2.10 -12.16
CA THR B 154 -31.45 2.15 -12.05
C THR B 154 -31.94 1.73 -10.69
N GLY B 155 -31.11 0.97 -9.96
CA GLY B 155 -31.55 0.47 -8.65
C GLY B 155 -32.20 -0.90 -8.80
N PHE B 156 -32.49 -1.40 -9.98
CA PHE B 156 -33.08 -2.74 -10.12
C PHE B 156 -32.35 -3.87 -9.44
N THR B 157 -31.05 -4.05 -9.70
CA THR B 157 -30.30 -5.15 -9.12
C THR B 157 -30.46 -5.20 -7.60
N LEU B 158 -30.27 -4.08 -6.88
CA LEU B 158 -30.32 -4.11 -5.44
C LEU B 158 -31.76 -4.23 -4.89
N THR B 159 -32.68 -3.72 -5.69
CA THR B 159 -34.08 -3.84 -5.22
C THR B 159 -34.51 -5.30 -5.22
N GLU B 160 -34.31 -6.00 -6.34
CA GLU B 160 -34.83 -7.38 -6.34
C GLU B 160 -33.93 -8.32 -5.57
N PHE B 161 -32.65 -7.96 -5.40
CA PHE B 161 -31.80 -8.81 -4.55
C PHE B 161 -32.22 -8.59 -3.10
N GLY B 162 -32.58 -7.34 -2.83
CA GLY B 162 -33.09 -6.93 -1.54
C GLY B 162 -34.35 -7.69 -1.12
N GLU B 163 -35.32 -7.87 -2.01
CA GLU B 163 -36.50 -8.65 -1.72
C GLU B 163 -36.14 -10.09 -1.43
N ARG B 164 -35.17 -10.67 -2.17
CA ARG B 164 -34.79 -12.07 -1.93
C ARG B 164 -34.12 -12.25 -0.57
N LEU B 165 -33.46 -11.19 -0.12
CA LEU B 165 -32.80 -11.24 1.18
C LEU B 165 -33.80 -11.05 2.30
N LYS B 166 -34.73 -10.13 2.16
CA LYS B 166 -35.76 -9.92 3.20
C LYS B 166 -36.52 -11.21 3.50
N ALA B 167 -36.72 -12.09 2.54
CA ALA B 167 -37.43 -13.35 2.69
C ALA B 167 -36.79 -14.27 3.70
N VAL B 168 -35.46 -14.18 3.90
CA VAL B 168 -34.84 -15.05 4.88
C VAL B 168 -34.80 -14.43 6.26
N GLY B 169 -35.29 -13.22 6.40
CA GLY B 169 -35.34 -12.52 7.66
C GLY B 169 -34.06 -12.11 8.34
N PRO B 170 -33.25 -11.28 7.67
CA PRO B 170 -32.03 -10.74 8.28
C PRO B 170 -32.36 -9.83 9.44
N LYS B 171 -31.45 -9.57 10.36
CA LYS B 171 -31.68 -8.62 11.43
C LYS B 171 -31.74 -7.17 10.94
N SER B 172 -30.82 -6.79 10.06
CA SER B 172 -30.75 -5.50 9.42
C SER B 172 -30.10 -5.65 8.03
N MET B 173 -30.45 -4.70 7.15
CA MET B 173 -29.91 -4.76 5.79
C MET B 173 -29.45 -3.36 5.38
N ARG B 174 -28.16 -3.25 4.96
CA ARG B 174 -27.75 -1.92 4.48
C ARG B 174 -26.98 -2.10 3.16
N ILE B 175 -26.84 -0.98 2.45
CA ILE B 175 -26.13 -0.98 1.19
C ILE B 175 -24.92 -0.03 1.20
N ALA B 176 -23.82 -0.60 0.65
CA ALA B 176 -22.62 0.23 0.48
C ALA B 176 -22.38 0.23 -1.02
N THR B 177 -22.29 1.39 -1.65
CA THR B 177 -21.98 1.40 -3.09
C THR B 177 -20.94 2.47 -3.34
N LEU B 178 -19.99 2.20 -4.24
CA LEU B 178 -18.92 3.24 -4.37
C LEU B 178 -19.51 4.49 -4.98
N VAL B 179 -20.38 4.29 -5.98
CA VAL B 179 -20.93 5.37 -6.77
C VAL B 179 -22.44 5.23 -6.97
N GLU B 180 -23.08 6.39 -7.03
CA GLU B 180 -24.52 6.35 -7.38
C GLU B 180 -24.70 7.28 -8.58
N LYS B 181 -25.44 6.92 -9.64
CA LYS B 181 -25.63 7.87 -10.71
C LYS B 181 -26.88 8.75 -10.51
N ARG B 182 -26.77 9.98 -10.97
CA ARG B 182 -27.96 10.87 -10.91
C ARG B 182 -28.65 10.63 -12.25
N THR B 183 -29.73 9.89 -12.27
CA THR B 183 -30.38 9.51 -13.54
C THR B 183 -31.89 9.49 -13.36
N ASP B 184 -32.60 9.86 -14.42
CA ASP B 184 -34.06 9.85 -14.42
C ASP B 184 -34.63 8.45 -14.56
N ARG B 185 -33.78 7.47 -14.78
CA ARG B 185 -34.13 6.07 -14.93
C ARG B 185 -34.17 5.38 -13.56
N SER B 186 -33.86 6.11 -12.50
CA SER B 186 -33.76 5.50 -11.18
C SER B 186 -35.13 5.16 -10.58
N ASN B 187 -35.16 4.00 -9.92
CA ASN B 187 -36.35 3.56 -9.19
C ASN B 187 -36.36 4.19 -7.80
N SER B 188 -35.40 5.02 -7.46
CA SER B 188 -35.23 5.76 -6.25
C SER B 188 -34.46 5.02 -5.16
N LEU B 189 -33.99 3.81 -5.43
CA LEU B 189 -33.25 3.11 -4.39
C LEU B 189 -31.93 3.84 -4.17
N LYS B 190 -31.54 4.09 -2.93
CA LYS B 190 -30.23 4.70 -2.68
C LYS B 190 -29.47 3.89 -1.60
N GLY B 191 -28.15 4.08 -1.63
CA GLY B 191 -27.36 3.32 -0.63
C GLY B 191 -27.21 4.03 0.67
N ASP B 192 -26.76 3.32 1.72
CA ASP B 192 -26.52 3.87 3.05
C ASP B 192 -25.13 4.46 3.21
N PHE B 193 -24.13 3.80 2.59
CA PHE B 193 -22.73 4.29 2.62
C PHE B 193 -22.29 4.38 1.16
N VAL B 194 -22.30 5.60 0.63
CA VAL B 194 -22.07 5.88 -0.78
C VAL B 194 -20.84 6.75 -0.94
N GLY B 195 -19.93 6.31 -1.83
CA GLY B 195 -18.71 7.10 -2.05
C GLY B 195 -19.05 8.42 -2.74
N PHE B 196 -19.63 8.32 -3.96
CA PHE B 196 -19.76 9.47 -4.80
C PHE B 196 -21.10 9.52 -5.55
N SER B 197 -21.57 10.73 -5.77
CA SER B 197 -22.78 10.96 -6.60
C SER B 197 -22.27 11.56 -7.92
N ILE B 198 -22.60 10.92 -9.05
CA ILE B 198 -22.01 11.40 -10.31
C ILE B 198 -23.14 11.59 -11.32
N GLU B 199 -22.82 12.26 -12.42
CA GLU B 199 -23.80 12.48 -13.47
C GLU B 199 -24.05 11.16 -14.20
N ASP B 200 -25.01 11.19 -15.12
CA ASP B 200 -25.38 9.93 -15.78
C ASP B 200 -24.46 9.61 -16.92
N VAL B 201 -23.27 9.07 -16.69
CA VAL B 201 -22.36 8.64 -17.73
C VAL B 201 -21.98 7.18 -17.49
N TRP B 202 -21.45 6.47 -18.47
CA TRP B 202 -21.03 5.09 -18.20
C TRP B 202 -19.57 5.14 -17.78
N ILE B 203 -19.22 4.58 -16.64
CA ILE B 203 -17.81 4.67 -16.23
C ILE B 203 -17.08 3.35 -16.38
N VAL B 204 -15.76 3.42 -16.48
CA VAL B 204 -14.88 2.27 -16.58
C VAL B 204 -13.62 2.46 -15.73
N GLY B 205 -12.88 1.37 -15.47
CA GLY B 205 -11.69 1.55 -14.61
C GLY B 205 -12.03 1.28 -13.16
N CYS B 206 -11.01 0.90 -12.38
CA CYS B 206 -11.21 0.58 -10.97
C CYS B 206 -12.29 -0.46 -10.79
N CYS B 207 -12.24 -1.51 -11.60
CA CYS B 207 -13.18 -2.62 -11.59
C CYS B 207 -14.44 -2.39 -12.39
N TYR B 208 -14.76 -1.13 -12.71
CA TYR B 208 -15.90 -0.85 -13.57
C TYR B 208 -15.47 -1.30 -14.99
N ASP B 209 -16.40 -1.98 -15.65
CA ASP B 209 -16.06 -2.47 -16.99
C ASP B 209 -17.06 -1.93 -18.03
N PHE B 210 -16.63 -2.23 -19.25
CA PHE B 210 -17.48 -2.03 -20.43
C PHE B 210 -17.29 -3.34 -21.20
N ASN B 211 -18.25 -4.25 -21.10
CA ASN B 211 -18.12 -5.57 -21.75
C ASN B 211 -16.87 -6.33 -21.35
N GLU B 212 -16.61 -6.34 -20.03
CA GLU B 212 -15.50 -7.07 -19.47
C GLU B 212 -14.18 -6.37 -19.74
N MET B 213 -14.15 -5.21 -20.40
CA MET B 213 -12.89 -4.52 -20.60
C MET B 213 -12.69 -3.39 -19.59
N PHE B 214 -11.44 -2.98 -19.41
CA PHE B 214 -10.97 -1.89 -18.60
C PHE B 214 -10.99 -2.08 -17.09
N ARG B 215 -11.39 -3.24 -16.55
CA ARG B 215 -11.40 -3.38 -15.09
C ARG B 215 -10.06 -3.10 -14.44
N ASP B 216 -8.94 -3.44 -15.06
CA ASP B 216 -7.63 -3.25 -14.42
C ASP B 216 -7.13 -1.84 -14.49
N PHE B 217 -7.79 -0.90 -15.17
CA PHE B 217 -7.28 0.47 -15.22
C PHE B 217 -7.40 1.09 -13.83
N ASP B 218 -6.34 1.73 -13.37
CA ASP B 218 -6.34 2.23 -12.01
C ASP B 218 -7.23 3.43 -11.75
N HIS B 219 -7.82 4.13 -12.72
CA HIS B 219 -8.64 5.27 -12.39
C HIS B 219 -10.06 5.08 -12.94
N VAL B 220 -10.98 5.89 -12.39
CA VAL B 220 -12.35 5.81 -12.91
C VAL B 220 -12.48 6.83 -14.05
N ALA B 221 -12.87 6.30 -15.22
CA ALA B 221 -12.90 7.20 -16.36
C ALA B 221 -14.19 7.03 -17.14
N VAL B 222 -14.36 7.99 -18.04
CA VAL B 222 -15.48 7.90 -18.95
C VAL B 222 -14.98 7.24 -20.22
N LEU B 223 -15.96 6.43 -20.64
CA LEU B 223 -15.80 5.67 -21.84
C LEU B 223 -14.91 6.26 -22.90
N SER B 224 -15.51 7.02 -23.78
CA SER B 224 -15.00 7.62 -24.95
C SER B 224 -15.79 7.03 -26.14
N ASP B 225 -16.22 7.89 -27.04
CA ASP B 225 -17.00 7.52 -28.21
C ASP B 225 -16.23 6.47 -29.02
N ALA B 226 -14.92 6.64 -29.05
CA ALA B 226 -13.94 5.75 -29.62
C ALA B 226 -14.14 4.35 -29.07
N ALA B 227 -13.89 4.21 -27.79
CA ALA B 227 -13.96 2.95 -27.07
C ALA B 227 -15.30 2.25 -27.19
N ARG B 228 -16.42 2.97 -27.19
CA ARG B 228 -17.70 2.26 -27.30
C ARG B 228 -17.72 1.44 -28.60
N LYS B 229 -17.22 2.00 -29.69
CA LYS B 229 -17.16 1.32 -30.97
C LYS B 229 -16.25 0.09 -30.94
N LYS B 230 -14.96 0.21 -30.66
CA LYS B 230 -14.08 -0.94 -30.62
C LYS B 230 -14.53 -2.02 -29.66
N PHE B 231 -15.23 -1.73 -28.55
CA PHE B 231 -15.64 -2.79 -27.63
C PHE B 231 -17.11 -3.09 -27.51
N GLU B 232 -18.02 -2.46 -28.24
CA GLU B 232 -19.44 -2.80 -28.14
C GLU B 232 -19.72 -4.23 -28.65
N ALA C 5 6.10 6.64 29.77
CA ALA C 5 5.45 7.93 29.36
C ALA C 5 6.54 8.99 29.26
N SER C 6 7.48 8.88 30.19
CA SER C 6 8.70 9.63 30.33
C SER C 6 9.43 9.63 31.68
N LYS C 7 10.62 9.12 31.64
CA LYS C 7 11.84 8.57 32.08
C LYS C 7 13.17 9.25 32.35
N PRO C 8 13.96 8.65 33.28
CA PRO C 8 15.22 9.19 33.72
C PRO C 8 16.27 9.31 32.63
N ILE C 9 16.94 10.44 32.55
CA ILE C 9 17.96 10.72 31.55
C ILE C 9 19.13 9.75 31.60
N GLU C 10 19.55 9.36 32.79
CA GLU C 10 20.60 8.40 33.05
C GLU C 10 20.30 7.00 32.50
N ASP C 11 19.06 6.71 32.16
CA ASP C 11 18.74 5.39 31.58
C ASP C 11 18.93 5.35 30.06
N TYR C 12 19.37 6.44 29.44
CA TYR C 12 19.57 6.50 28.02
C TYR C 12 20.63 5.48 27.58
N GLY C 13 20.28 4.62 26.64
CA GLY C 13 21.33 3.69 26.08
C GLY C 13 21.26 2.39 26.87
N LYS C 14 20.47 2.25 27.88
CA LYS C 14 20.43 1.02 28.65
C LYS C 14 19.32 0.08 28.22
N GLY C 15 18.37 0.55 27.45
CA GLY C 15 17.17 -0.22 27.13
C GLY C 15 16.40 -0.72 28.36
N LYS C 16 16.32 0.07 29.43
CA LYS C 16 15.73 -0.27 30.68
C LYS C 16 14.21 -0.40 30.56
N GLY C 17 13.69 -1.57 30.91
CA GLY C 17 12.26 -1.85 30.78
C GLY C 17 11.83 -2.12 29.35
N ARG C 18 12.72 -2.31 28.38
CA ARG C 18 12.26 -2.47 26.99
C ARG C 18 11.59 -3.80 26.74
N ILE C 19 10.85 -3.89 25.63
CA ILE C 19 10.35 -5.17 25.15
C ILE C 19 11.45 -5.72 24.26
N GLU C 20 12.01 -6.90 24.55
CA GLU C 20 13.12 -7.39 23.73
C GLU C 20 12.65 -7.49 22.25
N PRO C 21 13.60 -7.30 21.35
CA PRO C 21 13.36 -7.34 19.93
C PRO C 21 13.19 -8.76 19.42
N MET C 22 12.68 -8.93 18.19
CA MET C 22 12.73 -10.23 17.54
C MET C 22 14.15 -10.72 17.39
N TYR C 23 14.39 -11.97 17.82
CA TYR C 23 15.78 -12.48 17.82
C TYR C 23 15.98 -13.39 16.63
N ILE C 24 16.78 -13.01 15.67
CA ILE C 24 17.04 -13.79 14.46
C ILE C 24 18.30 -14.58 14.76
N PRO C 25 18.21 -15.91 14.81
CA PRO C 25 19.34 -16.75 15.14
C PRO C 25 20.45 -16.64 14.13
N ASP C 26 21.70 -16.89 14.56
CA ASP C 26 22.83 -16.89 13.65
C ASP C 26 22.54 -17.75 12.40
N ASN C 27 23.12 -17.40 11.29
CA ASN C 27 23.07 -18.16 10.05
C ASN C 27 21.65 -18.50 9.59
N THR C 28 20.73 -17.56 9.79
CA THR C 28 19.32 -17.83 9.41
C THR C 28 18.99 -16.81 8.32
N PHE C 29 18.65 -17.31 7.15
CA PHE C 29 18.37 -16.40 6.04
C PHE C 29 17.49 -17.06 4.99
N TYR C 30 16.90 -16.18 4.16
CA TYR C 30 16.11 -16.66 3.04
C TYR C 30 17.00 -16.61 1.80
N ASN C 31 16.64 -17.31 0.74
CA ASN C 31 17.40 -17.31 -0.50
C ASN C 31 16.97 -16.15 -1.36
N ALA C 32 17.90 -15.37 -1.90
CA ALA C 32 17.47 -14.23 -2.72
C ALA C 32 16.69 -14.64 -3.95
N ASP C 33 16.90 -15.87 -4.44
CA ASP C 33 16.18 -16.27 -5.64
C ASP C 33 14.68 -16.45 -5.46
N ASP C 34 14.15 -16.49 -4.25
CA ASP C 34 12.74 -16.54 -3.95
C ASP C 34 12.09 -15.16 -3.98
N PHE C 35 12.91 -14.11 -4.20
CA PHE C 35 12.37 -12.77 -4.18
C PHE C 35 12.65 -12.18 -5.56
N LEU C 36 12.00 -11.06 -5.82
CA LEU C 36 12.27 -10.32 -7.05
C LEU C 36 13.42 -9.36 -6.77
N VAL C 37 14.57 -9.50 -7.41
CA VAL C 37 15.73 -8.64 -7.16
C VAL C 37 16.02 -7.88 -8.44
N PRO C 38 16.07 -6.57 -8.37
CA PRO C 38 16.29 -5.75 -9.56
C PRO C 38 17.67 -5.92 -10.15
N PRO C 39 17.82 -5.72 -11.47
CA PRO C 39 19.06 -5.98 -12.18
C PRO C 39 20.31 -5.35 -11.62
N HIS C 40 20.27 -4.14 -11.04
CA HIS C 40 21.47 -3.52 -10.49
C HIS C 40 21.95 -4.21 -9.22
N CYS C 41 21.06 -4.93 -8.54
CA CYS C 41 21.41 -5.65 -7.34
C CYS C 41 21.62 -7.16 -7.51
N LYS C 42 21.03 -7.72 -8.57
CA LYS C 42 21.05 -9.16 -8.79
C LYS C 42 22.41 -9.83 -8.79
N PRO C 43 23.47 -9.22 -9.32
CA PRO C 43 24.79 -9.80 -9.25
C PRO C 43 25.35 -9.94 -7.85
N TYR C 44 24.84 -9.20 -6.86
CA TYR C 44 25.42 -9.06 -5.56
C TYR C 44 24.62 -9.54 -4.36
N ILE C 45 23.34 -9.86 -4.47
CA ILE C 45 22.54 -10.30 -3.33
C ILE C 45 22.30 -11.79 -3.37
N ASP C 46 22.66 -12.49 -2.29
CA ASP C 46 22.49 -13.93 -2.25
C ASP C 46 21.63 -14.39 -1.07
N LYS C 47 21.85 -13.76 0.08
CA LYS C 47 21.16 -14.11 1.29
C LYS C 47 20.31 -12.96 1.84
N ILE C 48 19.05 -13.29 2.13
CA ILE C 48 18.18 -12.20 2.62
C ILE C 48 17.95 -12.44 4.08
N LEU C 49 18.50 -11.53 4.92
CA LEU C 49 18.24 -11.76 6.35
C LEU C 49 16.84 -11.33 6.73
N LEU C 50 16.34 -10.19 6.22
CA LEU C 50 15.03 -9.70 6.63
C LEU C 50 14.27 -9.25 5.40
N PRO C 51 13.26 -9.99 4.94
CA PRO C 51 12.44 -9.55 3.81
C PRO C 51 11.90 -8.18 4.18
N GLY C 52 11.68 -7.33 3.18
CA GLY C 52 11.18 -5.96 3.38
C GLY C 52 9.80 -6.02 4.08
N GLY C 53 8.97 -6.97 3.72
CA GLY C 53 7.64 -7.05 4.34
C GLY C 53 7.76 -7.41 5.84
N LEU C 54 8.72 -8.18 6.23
CA LEU C 54 8.93 -8.53 7.67
C LEU C 54 9.38 -7.30 8.43
N VAL C 55 10.19 -6.46 7.80
CA VAL C 55 10.62 -5.16 8.35
C VAL C 55 9.37 -4.31 8.57
N LYS C 56 8.48 -4.27 7.57
CA LYS C 56 7.27 -3.45 7.74
C LYS C 56 6.35 -4.02 8.83
N ASP C 57 6.17 -5.33 8.87
CA ASP C 57 5.34 -5.94 9.92
C ASP C 57 5.92 -5.60 11.31
N ARG C 58 7.23 -5.72 11.42
CA ARG C 58 7.86 -5.41 12.73
C ARG C 58 7.83 -3.94 13.09
N VAL C 59 7.96 -3.08 12.10
CA VAL C 59 7.90 -1.61 12.39
C VAL C 59 6.46 -1.31 12.83
N GLU C 60 5.44 -2.00 12.29
CA GLU C 60 4.09 -1.68 12.79
C GLU C 60 3.99 -1.87 14.30
N LYS C 61 4.51 -3.00 14.81
CA LYS C 61 4.44 -3.27 16.23
C LYS C 61 5.29 -2.24 16.99
N LEU C 62 6.46 -1.88 16.51
CA LEU C 62 7.24 -0.86 17.24
C LEU C 62 6.48 0.44 17.27
N ALA C 63 5.77 0.82 16.17
CA ALA C 63 5.06 2.10 16.19
C ALA C 63 3.92 2.06 17.20
N TYR C 64 3.29 0.89 17.30
CA TYR C 64 2.23 0.74 18.32
C TYR C 64 2.81 0.89 19.73
N ASP C 65 3.97 0.31 20.02
CA ASP C 65 4.63 0.42 21.34
C ASP C 65 4.94 1.90 21.59
N ILE C 66 5.42 2.63 20.59
CA ILE C 66 5.78 4.05 20.71
C ILE C 66 4.52 4.86 20.94
N HIS C 67 3.46 4.58 20.17
CA HIS C 67 2.19 5.24 20.36
C HIS C 67 1.70 5.17 21.81
N ARG C 68 1.80 4.00 22.40
CA ARG C 68 1.40 3.77 23.78
C ARG C 68 2.25 4.60 24.76
N THR C 69 3.56 4.49 24.62
CA THR C 69 4.49 5.18 25.48
C THR C 69 4.24 6.68 25.43
N TYR C 70 4.05 7.32 24.28
CA TYR C 70 3.89 8.75 24.28
C TYR C 70 2.45 9.29 24.16
N PHE C 71 1.48 8.43 24.37
CA PHE C 71 0.08 8.85 24.22
C PHE C 71 -0.22 10.13 24.98
N GLY C 72 -0.80 11.13 24.33
CA GLY C 72 -1.11 12.41 24.93
C GLY C 72 0.06 13.38 25.05
N GLU C 73 1.29 12.95 24.72
CA GLU C 73 2.47 13.77 24.91
C GLU C 73 2.98 14.33 23.61
N GLU C 74 3.72 15.44 23.67
CA GLU C 74 4.30 16.04 22.47
C GLU C 74 5.58 15.24 22.20
N LEU C 75 5.67 14.62 21.04
CA LEU C 75 6.81 13.74 20.76
C LEU C 75 7.66 14.30 19.61
N HIS C 76 8.92 14.62 19.85
CA HIS C 76 9.87 15.11 18.85
C HIS C 76 10.75 13.94 18.40
N ILE C 77 10.59 13.57 17.13
CA ILE C 77 11.34 12.40 16.66
C ILE C 77 12.42 12.82 15.73
N ILE C 78 13.63 12.35 16.04
CA ILE C 78 14.80 12.76 15.25
C ILE C 78 15.25 11.64 14.35
N CYS C 79 15.34 11.95 13.06
CA CYS C 79 15.78 10.97 12.07
C CYS C 79 17.28 11.19 11.80
N ILE C 80 18.07 10.11 12.05
CA ILE C 80 19.49 10.19 11.74
C ILE C 80 19.72 9.79 10.28
N LEU C 81 19.93 10.86 9.51
CA LEU C 81 20.12 10.65 8.07
C LEU C 81 21.48 10.11 7.73
N LYS C 82 21.70 9.45 6.63
CA LYS C 82 20.75 9.01 5.64
C LYS C 82 20.18 7.65 6.03
N GLY C 83 20.89 6.83 6.81
CA GLY C 83 20.45 5.44 6.97
C GLY C 83 19.07 5.18 7.53
N SER C 84 18.64 6.00 8.48
CA SER C 84 17.35 5.81 9.11
C SER C 84 16.16 6.29 8.28
N ARG C 85 16.34 6.86 7.09
CA ARG C 85 15.24 7.39 6.28
C ARG C 85 14.12 6.37 6.11
N GLY C 86 14.44 5.13 5.75
CA GLY C 86 13.38 4.15 5.48
C GLY C 86 12.56 3.81 6.72
N PHE C 87 13.31 3.47 7.77
CA PHE C 87 12.67 3.14 9.02
C PHE C 87 11.85 4.32 9.57
N PHE C 88 12.47 5.47 9.60
CA PHE C 88 11.75 6.65 10.10
C PHE C 88 10.50 6.90 9.27
N ASN C 89 10.60 6.85 7.93
CA ASN C 89 9.36 7.14 7.16
C ASN C 89 8.28 6.12 7.44
N LEU C 90 8.63 4.82 7.63
CA LEU C 90 7.66 3.83 7.98
C LEU C 90 7.01 4.14 9.31
N LEU C 91 7.89 4.41 10.27
CA LEU C 91 7.44 4.68 11.64
C LEU C 91 6.44 5.82 11.67
N ILE C 92 6.80 6.96 11.07
CA ILE C 92 5.84 8.08 11.16
C ILE C 92 4.55 7.83 10.39
N ASP C 93 4.59 7.05 9.32
CA ASP C 93 3.32 6.68 8.62
C ASP C 93 2.39 5.94 9.54
N TYR C 94 2.98 4.90 10.23
CA TYR C 94 2.21 4.13 11.18
C TYR C 94 1.74 4.94 12.34
N LEU C 95 2.64 5.75 12.95
CA LEU C 95 2.20 6.55 14.08
C LEU C 95 1.01 7.41 13.67
N ALA C 96 1.09 8.05 12.52
CA ALA C 96 -0.06 8.87 12.11
C ALA C 96 -1.33 8.08 11.87
N THR C 97 -1.18 6.91 11.23
CA THR C 97 -2.36 6.13 10.97
C THR C 97 -2.99 5.61 12.24
N ILE C 98 -2.15 5.13 13.16
CA ILE C 98 -2.66 4.58 14.43
C ILE C 98 -3.43 5.65 15.15
N GLN C 99 -2.89 6.87 15.21
CA GLN C 99 -3.60 7.95 15.87
C GLN C 99 -4.90 8.28 15.17
N LYS C 100 -4.84 8.36 13.85
CA LYS C 100 -6.02 8.66 13.03
C LYS C 100 -7.13 7.65 13.24
N TYR C 101 -6.81 6.35 13.40
CA TYR C 101 -7.89 5.39 13.59
C TYR C 101 -8.18 5.02 15.02
N SER C 102 -7.44 5.56 15.97
CA SER C 102 -7.58 5.26 17.37
C SER C 102 -9.02 5.46 17.85
N GLY C 103 -9.60 6.62 17.47
CA GLY C 103 -10.93 6.92 18.03
C GLY C 103 -10.83 7.39 19.48
N ARG C 104 -9.79 7.06 20.24
CA ARG C 104 -9.43 7.44 21.59
C ARG C 104 -8.55 8.69 21.34
N GLU C 105 -9.28 9.76 21.11
CA GLU C 105 -8.92 11.07 20.67
C GLU C 105 -7.98 11.94 21.49
N SER C 106 -7.12 12.63 20.73
CA SER C 106 -6.10 13.51 21.24
C SER C 106 -5.87 14.72 20.37
N SER C 107 -5.63 15.90 20.93
CA SER C 107 -5.41 17.10 20.16
C SER C 107 -3.95 17.39 19.82
N VAL C 108 -3.00 16.64 20.35
CA VAL C 108 -1.59 16.86 20.00
C VAL C 108 -1.31 16.01 18.75
N PRO C 109 -0.49 16.49 17.83
CA PRO C 109 -0.12 15.73 16.64
C PRO C 109 0.55 14.45 17.07
N PRO C 110 0.70 13.48 16.16
CA PRO C 110 1.29 12.19 16.51
C PRO C 110 2.78 12.29 16.74
N PHE C 111 3.40 13.33 16.18
CA PHE C 111 4.82 13.60 16.33
C PHE C 111 5.14 14.96 15.71
N PHE C 112 6.38 15.43 15.96
CA PHE C 112 6.98 16.55 15.27
C PHE C 112 8.31 16.00 14.73
N GLU C 113 8.52 16.10 13.43
CA GLU C 113 9.73 15.48 12.84
C GLU C 113 10.92 16.40 12.86
N HIS C 114 12.12 15.78 12.96
CA HIS C 114 13.37 16.50 12.95
C HIS C 114 14.47 15.68 12.29
N TYR C 115 15.46 16.35 11.72
CA TYR C 115 16.50 15.61 10.99
C TYR C 115 17.91 15.96 11.43
N VAL C 116 18.82 15.00 11.57
CA VAL C 116 20.24 15.24 11.83
C VAL C 116 21.06 14.34 10.90
N ARG C 117 22.31 14.63 10.57
CA ARG C 117 23.13 13.87 9.63
C ARG C 117 24.48 13.44 10.23
N LEU C 118 25.28 12.64 9.54
CA LEU C 118 26.60 12.22 10.03
C LEU C 118 27.75 13.06 9.51
N LYS C 119 28.95 12.91 10.07
CA LYS C 119 30.12 13.65 9.62
C LYS C 119 30.47 13.26 8.19
N ASP C 135 22.77 19.40 14.37
CA ASP C 135 22.80 20.84 14.20
C ASP C 135 22.47 21.57 15.50
N ASP C 136 21.44 22.41 15.44
CA ASP C 136 20.96 23.15 16.60
C ASP C 136 20.08 22.24 17.47
N LEU C 137 20.70 21.65 18.50
CA LEU C 137 19.93 20.85 19.43
C LEU C 137 19.17 21.64 20.44
N SER C 138 19.37 23.00 20.55
CA SER C 138 18.67 23.73 21.61
C SER C 138 17.18 23.64 21.61
N ILE C 139 16.54 23.41 20.46
CA ILE C 139 15.08 23.25 20.41
C ILE C 139 14.57 22.02 21.16
N PHE C 140 15.43 21.05 21.49
CA PHE C 140 15.03 19.86 22.23
C PHE C 140 15.05 20.04 23.73
N ARG C 141 15.45 21.22 24.24
CA ARG C 141 15.36 21.41 25.69
C ARG C 141 13.93 21.32 26.17
N ASP C 142 13.74 20.57 27.25
CA ASP C 142 12.49 20.24 27.87
C ASP C 142 11.52 19.54 26.90
N LYS C 143 12.01 18.81 25.89
CA LYS C 143 11.12 18.05 25.02
C LYS C 143 11.29 16.54 25.21
N HIS C 144 10.24 15.77 24.92
CA HIS C 144 10.35 14.30 24.96
C HIS C 144 10.99 13.93 23.63
N VAL C 145 12.18 13.35 23.63
CA VAL C 145 12.85 13.11 22.37
C VAL C 145 12.98 11.60 22.09
N LEU C 146 12.67 11.26 20.80
CA LEU C 146 12.93 9.84 20.42
C LEU C 146 13.95 9.85 19.32
N ILE C 147 15.13 9.24 19.41
CA ILE C 147 16.13 9.26 18.34
C ILE C 147 15.94 7.98 17.51
N VAL C 148 15.82 8.19 16.20
CA VAL C 148 15.58 7.03 15.32
C VAL C 148 16.85 6.75 14.54
N GLU C 149 17.33 5.51 14.68
CA GLU C 149 18.56 5.06 14.05
C GLU C 149 18.36 3.78 13.28
N ASP C 150 19.10 3.61 12.19
CA ASP C 150 18.90 2.41 11.39
C ASP C 150 19.45 1.16 12.05
N ILE C 151 20.68 1.17 12.53
CA ILE C 151 21.26 -0.02 13.17
C ILE C 151 22.28 0.40 14.21
N VAL C 152 22.36 -0.36 15.30
CA VAL C 152 23.33 -0.13 16.34
C VAL C 152 24.38 -1.23 16.17
N ASP C 153 25.63 -0.83 15.96
CA ASP C 153 26.75 -1.79 15.83
C ASP C 153 27.64 -1.67 17.07
N THR C 154 28.58 -0.73 17.06
CA THR C 154 29.37 -0.51 18.26
C THR C 154 28.60 0.37 19.25
N GLY C 155 27.60 1.17 18.82
CA GLY C 155 26.86 2.02 19.74
C GLY C 155 27.54 3.38 19.90
N PHE C 156 28.66 3.58 19.24
CA PHE C 156 29.42 4.81 19.32
C PHE C 156 28.63 6.01 18.83
N THR C 157 27.96 5.88 17.70
CA THR C 157 27.22 6.98 17.10
C THR C 157 26.17 7.47 18.08
N LEU C 158 25.36 6.57 18.62
CA LEU C 158 24.29 7.01 19.52
C LEU C 158 24.79 7.42 20.90
N THR C 159 25.92 6.87 21.34
CA THR C 159 26.48 7.26 22.62
C THR C 159 26.93 8.73 22.51
N GLU C 160 27.72 9.02 21.50
CA GLU C 160 28.27 10.36 21.36
C GLU C 160 27.19 11.39 21.06
N PHE C 161 26.23 11.09 20.19
CA PHE C 161 25.13 12.00 19.90
C PHE C 161 24.29 12.21 21.14
N GLY C 162 24.04 11.18 21.94
CA GLY C 162 23.28 11.24 23.15
C GLY C 162 23.88 12.19 24.18
N GLU C 163 25.21 12.18 24.24
CA GLU C 163 25.88 13.08 25.22
C GLU C 163 25.65 14.54 24.78
N ARG C 164 25.70 14.84 23.49
CA ARG C 164 25.45 16.20 23.07
C ARG C 164 24.02 16.63 23.31
N LEU C 165 23.07 15.71 23.12
CA LEU C 165 21.67 15.99 23.33
C LEU C 165 21.41 16.14 24.84
N LYS C 166 22.09 15.34 25.67
CA LYS C 166 21.83 15.50 27.11
C LYS C 166 22.23 16.92 27.59
N ALA C 167 23.27 17.47 27.00
CA ALA C 167 23.74 18.82 27.41
C ALA C 167 22.70 19.89 27.33
N VAL C 168 21.70 19.81 26.42
CA VAL C 168 20.65 20.81 26.25
C VAL C 168 19.47 20.64 27.21
N GLY C 169 19.41 19.53 27.93
CA GLY C 169 18.34 19.32 28.89
C GLY C 169 16.99 18.94 28.34
N PRO C 170 16.91 17.84 27.60
CA PRO C 170 15.61 17.33 27.16
C PRO C 170 14.78 16.83 28.32
N LYS C 171 13.46 16.81 28.21
CA LYS C 171 12.64 16.20 29.25
C LYS C 171 12.87 14.70 29.30
N SER C 172 13.01 14.01 28.16
CA SER C 172 13.26 12.57 28.18
C SER C 172 13.95 12.14 26.87
N MET C 173 14.62 11.01 26.84
CA MET C 173 15.34 10.57 25.65
C MET C 173 15.20 9.05 25.53
N ARG C 174 14.83 8.55 24.38
CA ARG C 174 14.74 7.13 24.07
C ARG C 174 15.25 6.87 22.65
N ILE C 175 15.56 5.59 22.38
CA ILE C 175 16.12 5.25 21.07
C ILE C 175 15.23 4.19 20.39
N ALA C 176 14.93 4.45 19.12
CA ALA C 176 14.25 3.47 18.29
C ALA C 176 15.33 3.02 17.30
N THR C 177 15.65 1.71 17.19
CA THR C 177 16.67 1.30 16.20
C THR C 177 16.07 0.06 15.54
N LEU C 178 16.17 0.04 14.22
CA LEU C 178 15.53 -1.11 13.52
C LEU C 178 16.24 -2.40 13.90
N VAL C 179 17.57 -2.35 13.87
CA VAL C 179 18.39 -3.52 14.16
C VAL C 179 19.44 -3.31 15.25
N GLU C 180 19.76 -4.37 16.01
CA GLU C 180 20.94 -4.26 16.91
C GLU C 180 21.82 -5.49 16.59
N LYS C 181 23.09 -5.30 16.32
CA LYS C 181 24.00 -6.39 16.09
C LYS C 181 24.43 -7.02 17.44
N ARG C 182 24.65 -8.34 17.41
CA ARG C 182 25.13 -9.06 18.62
C ARG C 182 26.67 -9.06 18.56
N THR C 183 27.32 -8.08 19.21
CA THR C 183 28.79 -8.05 19.13
C THR C 183 29.38 -8.55 20.45
N ASP C 184 30.68 -8.77 20.45
CA ASP C 184 31.33 -9.25 21.70
C ASP C 184 31.58 -8.12 22.69
N ARG C 185 31.35 -6.85 22.32
CA ARG C 185 31.56 -5.71 23.20
C ARG C 185 30.76 -5.75 24.47
N SER C 186 31.37 -5.44 25.64
CA SER C 186 30.58 -5.46 26.86
C SER C 186 29.94 -4.10 27.15
N ASN C 187 28.84 -4.11 27.89
CA ASN C 187 28.14 -2.88 28.24
C ASN C 187 27.72 -2.13 26.98
N SER C 188 27.27 -2.85 25.95
CA SER C 188 26.86 -2.25 24.69
C SER C 188 25.61 -1.41 24.75
N LEU C 189 25.58 -0.30 24.01
CA LEU C 189 24.39 0.58 24.06
C LEU C 189 23.19 -0.19 23.55
N LYS C 190 22.04 -0.07 24.24
CA LYS C 190 20.85 -0.76 23.79
C LYS C 190 19.74 0.25 23.49
N GLY C 191 18.93 -0.07 22.48
CA GLY C 191 17.82 0.86 22.20
C GLY C 191 16.58 0.50 23.04
N ASP C 192 15.64 1.43 23.04
CA ASP C 192 14.39 1.24 23.78
C ASP C 192 13.34 0.57 22.90
N PHE C 193 13.23 0.85 21.63
CA PHE C 193 12.26 0.19 20.73
C PHE C 193 13.08 -0.38 19.58
N VAL C 194 13.39 -1.65 19.62
CA VAL C 194 14.26 -2.30 18.67
C VAL C 194 13.55 -3.38 17.87
N GLY C 195 13.71 -3.32 16.56
CA GLY C 195 13.02 -4.29 15.70
C GLY C 195 13.64 -5.67 15.83
N PHE C 196 14.93 -5.83 15.53
CA PHE C 196 15.55 -7.13 15.46
C PHE C 196 16.95 -7.21 16.10
N SER C 197 17.22 -8.33 16.78
CA SER C 197 18.62 -8.61 17.17
C SER C 197 19.23 -9.54 16.14
N ILE C 198 20.32 -9.27 15.43
CA ILE C 198 20.92 -10.09 14.43
C ILE C 198 22.38 -10.44 14.76
N GLU C 199 22.88 -11.41 14.01
CA GLU C 199 24.29 -11.77 14.18
C GLU C 199 25.18 -10.65 13.69
N ASP C 200 26.44 -10.63 14.11
CA ASP C 200 27.32 -9.54 13.72
C ASP C 200 27.81 -9.65 12.30
N VAL C 201 27.07 -9.14 11.31
CA VAL C 201 27.45 -9.17 9.93
C VAL C 201 27.06 -7.83 9.30
N TRP C 202 27.68 -7.46 8.20
CA TRP C 202 27.31 -6.19 7.55
C TRP C 202 26.09 -6.45 6.67
N ILE C 203 25.09 -5.56 6.78
CA ILE C 203 23.85 -5.69 6.05
C ILE C 203 23.62 -4.49 5.12
N VAL C 204 22.94 -4.74 4.01
CA VAL C 204 22.62 -3.73 2.99
C VAL C 204 21.17 -3.95 2.55
N GLY C 205 20.56 -2.88 1.97
CA GLY C 205 19.19 -3.05 1.50
C GLY C 205 18.24 -2.39 2.50
N CYS C 206 17.05 -1.97 2.01
CA CYS C 206 16.14 -1.28 2.91
C CYS C 206 16.73 -0.06 3.58
N CYS C 207 17.49 0.72 2.83
CA CYS C 207 18.18 1.91 3.26
C CYS C 207 19.56 1.65 3.81
N TYR C 208 19.81 0.40 4.21
CA TYR C 208 21.16 0.10 4.69
C TYR C 208 22.12 0.15 3.50
N ASP C 209 23.28 0.76 3.64
CA ASP C 209 24.18 0.77 2.51
C ASP C 209 25.53 0.08 2.75
N PHE C 210 26.26 0.04 1.63
CA PHE C 210 27.68 -0.34 1.68
C PHE C 210 28.33 0.68 0.75
N ASN C 211 29.03 1.67 1.30
CA ASN C 211 29.61 2.74 0.51
C ASN C 211 28.59 3.40 -0.42
N GLU C 212 27.39 3.70 0.11
CA GLU C 212 26.30 4.33 -0.56
C GLU C 212 25.53 3.52 -1.58
N MET C 213 25.89 2.28 -1.80
CA MET C 213 25.20 1.36 -2.67
C MET C 213 24.16 0.53 -1.91
N PHE C 214 23.16 0.04 -2.61
CA PHE C 214 22.10 -0.87 -2.21
C PHE C 214 20.94 -0.27 -1.38
N ARG C 215 20.91 1.02 -1.13
CA ARG C 215 19.85 1.59 -0.28
C ARG C 215 18.45 1.32 -0.80
N ASP C 216 18.28 1.39 -2.14
CA ASP C 216 16.94 1.21 -2.69
C ASP C 216 16.51 -0.23 -2.84
N PHE C 217 17.33 -1.20 -2.49
CA PHE C 217 16.86 -2.61 -2.63
C PHE C 217 15.75 -2.80 -1.59
N ASP C 218 14.70 -3.53 -1.83
CA ASP C 218 13.56 -3.68 -0.94
C ASP C 218 13.79 -4.57 0.28
N HIS C 219 14.81 -5.37 0.35
CA HIS C 219 14.98 -6.34 1.42
C HIS C 219 16.31 -6.14 2.12
N VAL C 220 16.45 -6.67 3.33
CA VAL C 220 17.70 -6.60 4.09
C VAL C 220 18.53 -7.85 3.75
N ALA C 221 19.66 -7.63 3.12
CA ALA C 221 20.52 -8.72 2.69
C ALA C 221 21.87 -8.67 3.42
N VAL C 222 22.52 -9.82 3.42
CA VAL C 222 23.90 -9.86 3.95
C VAL C 222 24.80 -9.29 2.86
N LEU C 223 25.78 -8.50 3.18
CA LEU C 223 26.79 -8.01 2.24
C LEU C 223 27.64 -9.22 1.79
N SER C 224 27.64 -9.47 0.49
CA SER C 224 28.41 -10.65 0.03
C SER C 224 29.84 -10.23 -0.32
N ASP C 225 30.64 -11.28 -0.59
CA ASP C 225 32.04 -11.01 -0.98
C ASP C 225 32.16 -10.23 -2.27
N ALA C 226 31.31 -10.57 -3.25
CA ALA C 226 31.28 -9.89 -4.53
C ALA C 226 30.90 -8.43 -4.32
N ALA C 227 29.91 -8.24 -3.43
CA ALA C 227 29.48 -6.86 -3.20
C ALA C 227 30.62 -6.06 -2.57
N ARG C 228 31.28 -6.63 -1.58
CA ARG C 228 32.36 -5.90 -0.89
C ARG C 228 33.48 -5.54 -1.87
N LYS C 229 33.85 -6.48 -2.72
CA LYS C 229 34.95 -6.29 -3.69
C LYS C 229 34.57 -5.31 -4.78
N LYS C 230 33.33 -5.41 -5.23
CA LYS C 230 32.90 -4.48 -6.26
C LYS C 230 32.80 -3.04 -5.76
N PHE C 231 32.23 -2.84 -4.58
CA PHE C 231 31.99 -1.50 -4.10
C PHE C 231 32.90 -0.91 -3.04
N GLU C 232 33.95 -1.55 -2.57
CA GLU C 232 34.93 -1.01 -1.65
C GLU C 232 35.37 0.41 -2.02
N MET D 4 18.68 11.42 -23.10
CA MET D 4 17.48 12.15 -22.60
C MET D 4 17.89 13.04 -21.45
N ALA D 5 18.91 12.59 -20.72
CA ALA D 5 19.41 13.20 -19.51
C ALA D 5 20.16 14.50 -19.66
N SER D 6 20.86 14.69 -20.77
CA SER D 6 21.61 15.93 -20.99
C SER D 6 20.72 17.13 -21.24
N LYS D 7 21.17 18.29 -20.80
CA LYS D 7 20.45 19.57 -20.91
C LYS D 7 21.36 20.69 -20.44
N PRO D 8 21.30 21.83 -21.09
CA PRO D 8 22.15 22.99 -20.77
C PRO D 8 21.92 23.52 -19.36
N ILE D 9 22.95 23.81 -18.61
CA ILE D 9 22.80 24.32 -17.25
C ILE D 9 22.01 25.60 -17.18
N GLU D 10 22.10 26.47 -18.20
CA GLU D 10 21.40 27.75 -18.17
C GLU D 10 19.91 27.62 -18.40
N ASP D 11 19.44 26.43 -18.69
CA ASP D 11 18.01 26.16 -18.73
C ASP D 11 17.47 25.95 -17.30
N TYR D 12 18.31 25.86 -16.28
CA TYR D 12 17.82 25.63 -14.93
C TYR D 12 16.83 26.67 -14.47
N GLY D 13 15.69 26.22 -13.93
CA GLY D 13 14.68 27.16 -13.44
C GLY D 13 13.81 27.74 -14.58
N LYS D 14 14.03 27.31 -15.81
CA LYS D 14 13.19 27.90 -16.88
C LYS D 14 12.01 27.00 -17.20
N GLY D 15 12.14 25.72 -16.86
CA GLY D 15 11.13 24.71 -17.19
C GLY D 15 11.05 24.52 -18.70
N LYS D 16 12.20 24.67 -19.39
CA LYS D 16 12.17 24.51 -20.84
C LYS D 16 11.89 23.10 -21.28
N GLY D 17 10.91 22.90 -22.16
CA GLY D 17 10.52 21.60 -22.70
C GLY D 17 9.78 20.70 -21.71
N ARG D 18 9.25 21.32 -20.64
CA ARG D 18 8.62 20.45 -19.61
C ARG D 18 7.22 20.02 -20.08
N ILE D 19 6.68 19.05 -19.40
CA ILE D 19 5.30 18.63 -19.55
C ILE D 19 4.56 19.54 -18.54
N GLU D 20 3.57 20.29 -18.99
CA GLU D 20 2.91 21.21 -18.10
C GLU D 20 2.18 20.46 -16.98
N PRO D 21 2.15 21.06 -15.80
CA PRO D 21 1.49 20.42 -14.66
C PRO D 21 -0.03 20.40 -14.79
N MET D 22 -0.65 19.66 -13.88
CA MET D 22 -2.09 19.58 -13.82
C MET D 22 -2.55 20.96 -13.37
N TYR D 23 -3.48 21.57 -14.08
CA TYR D 23 -3.95 22.91 -13.74
C TYR D 23 -5.15 22.83 -12.80
N ILE D 24 -5.08 23.28 -11.57
CA ILE D 24 -6.19 23.27 -10.61
C ILE D 24 -6.81 24.67 -10.59
N PRO D 25 -7.99 24.81 -11.18
CA PRO D 25 -8.60 26.13 -11.30
C PRO D 25 -8.79 26.82 -9.98
N ASP D 26 -8.87 28.15 -10.02
CA ASP D 26 -9.08 28.92 -8.80
C ASP D 26 -10.35 28.49 -8.08
N ASN D 27 -10.44 28.67 -6.79
CA ASN D 27 -11.63 28.43 -5.97
C ASN D 27 -12.24 27.06 -6.20
N THR D 28 -11.40 26.02 -6.35
CA THR D 28 -11.92 24.67 -6.62
C THR D 28 -11.37 23.72 -5.55
N PHE D 29 -12.23 23.20 -4.70
CA PHE D 29 -11.78 22.40 -3.57
C PHE D 29 -12.80 21.28 -3.27
N TYR D 30 -12.37 20.31 -2.51
CA TYR D 30 -13.22 19.23 -1.99
C TYR D 30 -13.57 19.61 -0.55
N ASN D 31 -14.70 19.06 -0.09
CA ASN D 31 -15.11 19.34 1.29
C ASN D 31 -14.43 18.39 2.27
N ALA D 32 -13.78 18.90 3.30
CA ALA D 32 -13.08 18.09 4.29
C ALA D 32 -13.96 17.05 4.92
N ASP D 33 -15.26 17.33 5.03
CA ASP D 33 -16.18 16.39 5.66
C ASP D 33 -16.37 15.10 4.88
N ASP D 34 -15.89 15.06 3.64
CA ASP D 34 -15.95 13.89 2.80
C ASP D 34 -14.74 13.00 3.04
N PHE D 35 -13.83 13.44 3.89
CA PHE D 35 -12.63 12.66 4.14
C PHE D 35 -12.53 12.32 5.62
N LEU D 36 -11.69 11.36 5.98
CA LEU D 36 -11.46 11.05 7.37
C LEU D 36 -10.44 12.03 7.92
N VAL D 37 -10.76 12.92 8.84
CA VAL D 37 -9.83 13.96 9.28
C VAL D 37 -9.51 13.59 10.73
N PRO D 38 -8.25 13.48 11.10
CA PRO D 38 -7.90 13.11 12.47
C PRO D 38 -8.24 14.23 13.43
N PRO D 39 -8.44 13.86 14.70
CA PRO D 39 -8.88 14.81 15.73
C PRO D 39 -8.02 16.01 15.93
N HIS D 40 -6.70 15.95 15.81
CA HIS D 40 -5.86 17.15 16.01
C HIS D 40 -6.04 18.14 14.87
N CYS D 41 -6.55 17.71 13.72
CA CYS D 41 -6.75 18.56 12.58
C CYS D 41 -8.21 18.93 12.37
N LYS D 42 -9.14 18.22 12.98
CA LYS D 42 -10.57 18.38 12.74
C LYS D 42 -11.11 19.79 12.80
N PRO D 43 -10.77 20.49 13.87
CA PRO D 43 -11.18 21.87 14.01
C PRO D 43 -10.65 22.79 12.92
N TYR D 44 -9.53 22.47 12.26
CA TYR D 44 -8.89 23.44 11.37
C TYR D 44 -8.92 23.25 9.87
N ILE D 45 -9.45 22.13 9.43
CA ILE D 45 -9.46 21.83 7.99
C ILE D 45 -10.86 21.92 7.43
N ASP D 46 -11.08 22.73 6.38
CA ASP D 46 -12.40 22.85 5.80
C ASP D 46 -12.37 22.56 4.30
N LYS D 47 -11.32 22.98 3.63
CA LYS D 47 -11.20 22.81 2.20
C LYS D 47 -9.94 22.02 1.84
N ILE D 48 -10.21 20.93 1.11
CA ILE D 48 -9.13 20.08 0.64
C ILE D 48 -8.84 20.45 -0.81
N LEU D 49 -7.67 20.98 -1.02
CA LEU D 49 -7.25 21.35 -2.38
C LEU D 49 -6.88 20.11 -3.18
N LEU D 50 -6.02 19.27 -2.64
CA LEU D 50 -5.55 18.08 -3.32
C LEU D 50 -5.64 16.90 -2.35
N PRO D 51 -6.58 16.00 -2.62
CA PRO D 51 -6.66 14.78 -1.84
C PRO D 51 -5.32 14.07 -1.83
N GLY D 52 -4.95 13.39 -0.78
CA GLY D 52 -3.68 12.66 -0.74
C GLY D 52 -3.55 11.59 -1.84
N GLY D 53 -4.67 11.05 -2.25
CA GLY D 53 -4.65 10.06 -3.33
C GLY D 53 -4.36 10.66 -4.70
N LEU D 54 -4.85 11.90 -4.85
CA LEU D 54 -4.62 12.58 -6.12
C LEU D 54 -3.13 12.92 -6.19
N VAL D 55 -2.61 13.37 -5.01
CA VAL D 55 -1.19 13.60 -4.93
C VAL D 55 -0.43 12.37 -5.39
N LYS D 56 -0.76 11.20 -4.79
CA LYS D 56 -0.02 10.00 -5.12
C LYS D 56 -0.12 9.65 -6.60
N ASP D 57 -1.35 9.72 -7.14
CA ASP D 57 -1.53 9.42 -8.55
C ASP D 57 -0.66 10.35 -9.42
N ARG D 58 -0.59 11.62 -9.06
CA ARG D 58 0.21 12.53 -9.88
C ARG D 58 1.71 12.29 -9.77
N VAL D 59 2.19 11.95 -8.58
CA VAL D 59 3.58 11.66 -8.32
C VAL D 59 3.99 10.39 -9.11
N GLU D 60 3.05 9.44 -9.25
CA GLU D 60 3.35 8.28 -10.08
C GLU D 60 3.69 8.71 -11.50
N LYS D 61 2.87 9.61 -12.07
CA LYS D 61 3.16 10.13 -13.42
C LYS D 61 4.47 10.88 -13.50
N LEU D 62 4.76 11.77 -12.54
CA LEU D 62 6.05 12.45 -12.57
C LEU D 62 7.22 11.48 -12.48
N ALA D 63 7.13 10.44 -11.61
CA ALA D 63 8.19 9.46 -11.49
C ALA D 63 8.41 8.76 -12.84
N TYR D 64 7.31 8.45 -13.52
CA TYR D 64 7.42 7.89 -14.86
C TYR D 64 8.13 8.88 -15.79
N ASP D 65 7.79 10.16 -15.79
CA ASP D 65 8.51 11.14 -16.64
C ASP D 65 9.98 11.18 -16.23
N ILE D 66 10.30 11.21 -14.96
CA ILE D 66 11.69 11.22 -14.46
C ILE D 66 12.44 9.97 -14.89
N HIS D 67 11.86 8.80 -14.70
CA HIS D 67 12.45 7.54 -15.13
C HIS D 67 12.86 7.56 -16.61
N ARG D 68 12.03 8.12 -17.46
CA ARG D 68 12.33 8.18 -18.90
C ARG D 68 13.40 9.22 -19.19
N THR D 69 13.42 10.30 -18.41
CA THR D 69 14.43 11.32 -18.61
C THR D 69 15.78 10.74 -18.27
N TYR D 70 15.98 10.06 -17.14
CA TYR D 70 17.35 9.66 -16.78
C TYR D 70 17.64 8.20 -17.04
N PHE D 71 16.84 7.53 -17.86
CA PHE D 71 17.02 6.10 -18.04
C PHE D 71 18.47 5.76 -18.41
N GLY D 72 19.04 4.85 -17.64
CA GLY D 72 20.41 4.39 -17.88
C GLY D 72 21.49 5.32 -17.38
N GLU D 73 21.08 6.38 -16.70
CA GLU D 73 22.03 7.38 -16.24
C GLU D 73 22.06 7.39 -14.71
N GLU D 74 23.22 7.78 -14.20
CA GLU D 74 23.36 7.89 -12.74
C GLU D 74 22.60 9.13 -12.36
N LEU D 75 21.69 9.10 -11.41
CA LEU D 75 20.81 10.19 -11.08
C LEU D 75 20.97 10.55 -9.63
N HIS D 76 21.42 11.77 -9.35
CA HIS D 76 21.59 12.20 -7.97
C HIS D 76 20.41 13.07 -7.58
N ILE D 77 19.65 12.61 -6.60
CA ILE D 77 18.44 13.36 -6.19
C ILE D 77 18.59 13.91 -4.79
N ILE D 78 18.36 15.24 -4.71
CA ILE D 78 18.48 16.00 -3.47
C ILE D 78 17.12 16.41 -2.90
N CYS D 79 16.88 15.99 -1.65
CA CYS D 79 15.64 16.32 -0.95
C CYS D 79 15.79 17.54 -0.08
N ILE D 80 15.02 18.61 -0.33
CA ILE D 80 15.15 19.79 0.52
C ILE D 80 14.23 19.59 1.74
N LEU D 81 14.97 19.33 2.86
CA LEU D 81 14.21 19.05 4.11
C LEU D 81 13.69 20.27 4.75
N LYS D 82 12.61 20.44 5.54
CA LYS D 82 11.81 19.27 5.92
C LYS D 82 10.65 19.01 4.95
N GLY D 83 10.16 20.08 4.35
CA GLY D 83 8.96 20.03 3.51
C GLY D 83 8.89 19.04 2.40
N SER D 84 10.01 18.70 1.71
CA SER D 84 9.93 17.82 0.55
C SER D 84 9.99 16.36 0.89
N ARG D 85 10.15 16.07 2.20
CA ARG D 85 10.30 14.61 2.47
C ARG D 85 9.16 13.74 2.00
N GLY D 86 7.89 14.07 2.13
CA GLY D 86 6.82 13.18 1.70
C GLY D 86 6.82 12.98 0.18
N PHE D 87 6.98 14.07 -0.58
CA PHE D 87 7.05 13.88 -2.04
C PHE D 87 8.29 13.09 -2.43
N PHE D 88 9.42 13.52 -1.84
CA PHE D 88 10.67 12.82 -2.18
C PHE D 88 10.56 11.33 -1.96
N ASN D 89 10.02 10.94 -0.79
CA ASN D 89 9.85 9.54 -0.40
C ASN D 89 8.91 8.82 -1.34
N LEU D 90 7.86 9.52 -1.78
CA LEU D 90 6.95 8.90 -2.74
C LEU D 90 7.69 8.69 -4.07
N LEU D 91 8.40 9.75 -4.48
CA LEU D 91 9.10 9.70 -5.77
C LEU D 91 10.12 8.57 -5.80
N ILE D 92 10.99 8.46 -4.79
CA ILE D 92 12.01 7.41 -4.84
C ILE D 92 11.38 6.04 -4.81
N ASP D 93 10.25 5.86 -4.12
CA ASP D 93 9.57 4.55 -4.08
C ASP D 93 9.07 4.22 -5.47
N TYR D 94 8.38 5.10 -6.22
CA TYR D 94 7.97 4.82 -7.56
C TYR D 94 9.20 4.63 -8.50
N LEU D 95 10.23 5.45 -8.32
CA LEU D 95 11.38 5.24 -9.23
C LEU D 95 11.99 3.85 -9.14
N ALA D 96 12.18 3.39 -7.89
CA ALA D 96 12.70 2.07 -7.68
C ALA D 96 11.74 1.01 -8.23
N THR D 97 10.43 1.14 -7.92
CA THR D 97 9.50 0.13 -8.44
C THR D 97 9.41 0.14 -9.95
N ILE D 98 9.36 1.31 -10.61
CA ILE D 98 9.34 1.37 -12.07
C ILE D 98 10.60 0.72 -12.61
N GLN D 99 11.76 1.05 -12.01
CA GLN D 99 12.97 0.37 -12.54
C GLN D 99 12.97 -1.13 -12.31
N LYS D 100 12.43 -1.64 -11.22
CA LYS D 100 12.40 -3.05 -10.89
C LYS D 100 11.46 -3.79 -11.86
N TYR D 101 10.38 -3.13 -12.25
CA TYR D 101 9.46 -3.81 -13.17
C TYR D 101 9.74 -3.51 -14.61
N SER D 102 10.71 -2.69 -14.97
CA SER D 102 10.98 -2.36 -16.35
C SER D 102 11.41 -3.55 -17.22
N GLY D 103 11.00 -3.50 -18.47
CA GLY D 103 11.45 -4.52 -19.44
C GLY D 103 12.94 -4.34 -19.70
N ARG D 104 13.26 -3.12 -20.17
CA ARG D 104 14.65 -2.75 -20.43
C ARG D 104 15.41 -2.61 -19.11
N GLU D 105 16.33 -3.49 -18.83
CA GLU D 105 17.15 -3.60 -17.65
C GLU D 105 18.44 -2.79 -17.62
N SER D 106 18.91 -2.48 -16.41
CA SER D 106 20.10 -1.64 -16.23
C SER D 106 20.92 -1.96 -15.00
N SER D 107 22.22 -1.72 -15.04
CA SER D 107 23.11 -1.94 -13.90
C SER D 107 23.29 -0.70 -13.04
N VAL D 108 22.72 0.44 -13.39
CA VAL D 108 22.83 1.67 -12.57
C VAL D 108 21.58 1.71 -11.68
N PRO D 109 21.76 2.00 -10.41
CA PRO D 109 20.63 2.09 -9.44
C PRO D 109 19.68 3.14 -9.93
N PRO D 110 18.40 3.15 -9.57
CA PRO D 110 17.46 4.19 -9.96
C PRO D 110 17.79 5.60 -9.49
N PHE D 111 18.54 5.75 -8.39
CA PHE D 111 18.91 7.07 -7.89
C PHE D 111 19.95 6.91 -6.82
N PHE D 112 20.59 8.00 -6.43
CA PHE D 112 21.45 8.07 -5.25
C PHE D 112 20.85 9.26 -4.48
N GLU D 113 20.50 9.03 -3.22
CA GLU D 113 19.80 10.07 -2.45
C GLU D 113 20.68 10.98 -1.68
N HIS D 114 20.29 12.24 -1.49
CA HIS D 114 21.02 13.27 -0.77
C HIS D 114 20.01 14.22 -0.08
N TYR D 115 20.45 14.84 1.03
CA TYR D 115 19.56 15.66 1.83
C TYR D 115 20.20 16.99 2.15
N VAL D 116 19.41 18.07 2.04
CA VAL D 116 19.93 19.40 2.41
C VAL D 116 18.87 20.08 3.29
N ARG D 117 19.14 21.17 4.00
CA ARG D 117 18.09 21.76 4.83
C ARG D 117 17.94 23.28 4.64
N LEU D 118 16.99 23.95 5.29
CA LEU D 118 16.79 25.38 5.25
C LEU D 118 17.32 26.09 6.52
N LYS D 119 17.80 27.31 6.36
CA LYS D 119 18.40 28.20 7.29
C LYS D 119 17.67 28.54 8.59
N GLN D 129 16.05 35.52 5.96
CA GLN D 129 15.36 34.62 5.05
C GLN D 129 16.02 33.26 4.91
N LEU D 130 15.24 32.19 4.88
CA LEU D 130 15.74 30.83 4.75
C LEU D 130 16.36 30.55 3.38
N THR D 131 17.49 29.86 3.40
CA THR D 131 18.19 29.40 2.20
C THR D 131 18.67 27.98 2.52
N VAL D 132 19.01 27.21 1.50
CA VAL D 132 19.50 25.84 1.68
C VAL D 132 20.87 25.70 2.31
N LEU D 133 20.98 24.81 3.28
CA LEU D 133 22.22 24.42 3.96
C LEU D 133 22.59 23.05 3.40
N SER D 134 23.64 22.95 2.61
CA SER D 134 23.93 21.74 1.86
C SER D 134 25.27 21.06 1.88
N ASP D 135 25.96 20.98 3.01
CA ASP D 135 27.24 20.31 3.10
C ASP D 135 28.00 19.94 1.84
N ASP D 136 29.06 20.66 1.49
CA ASP D 136 29.93 20.37 0.37
C ASP D 136 29.26 19.74 -0.85
N LEU D 137 28.99 20.63 -1.79
CA LEU D 137 28.35 20.31 -3.06
C LEU D 137 29.32 19.82 -4.09
N SER D 138 30.64 19.79 -3.77
CA SER D 138 31.58 19.31 -4.80
C SER D 138 31.37 17.89 -5.23
N ILE D 139 30.63 17.05 -4.48
CA ILE D 139 30.33 15.70 -4.88
C ILE D 139 29.40 15.67 -6.10
N PHE D 140 28.74 16.78 -6.39
CA PHE D 140 27.87 16.87 -7.55
C PHE D 140 28.58 17.33 -8.82
N ARG D 141 29.89 17.58 -8.78
CA ARG D 141 30.57 17.96 -10.04
C ARG D 141 30.40 16.85 -11.03
N ASP D 142 30.01 17.17 -12.26
CA ASP D 142 29.75 16.24 -13.33
C ASP D 142 28.69 15.20 -13.01
N LYS D 143 27.72 15.49 -12.15
CA LYS D 143 26.61 14.53 -12.02
C LYS D 143 25.29 15.09 -12.55
N HIS D 144 24.34 14.21 -12.87
CA HIS D 144 23.00 14.63 -13.27
C HIS D 144 22.30 14.90 -11.93
N VAL D 145 21.90 16.15 -11.69
CA VAL D 145 21.30 16.43 -10.38
C VAL D 145 19.82 16.77 -10.55
N LEU D 146 18.98 16.21 -9.70
CA LEU D 146 17.57 16.53 -9.64
C LEU D 146 17.25 17.00 -8.23
N ILE D 147 16.82 18.21 -8.08
CA ILE D 147 16.52 18.85 -6.81
C ILE D 147 15.01 18.68 -6.61
N VAL D 148 14.68 18.21 -5.42
CA VAL D 148 13.26 18.02 -5.11
C VAL D 148 12.75 18.94 -4.04
N GLU D 149 11.73 19.71 -4.43
CA GLU D 149 11.21 20.75 -3.53
C GLU D 149 9.70 20.52 -3.37
N ASP D 150 9.18 20.91 -2.21
CA ASP D 150 7.76 20.65 -1.94
C ASP D 150 6.87 21.59 -2.74
N ILE D 151 7.16 22.86 -2.78
CA ILE D 151 6.34 23.86 -3.51
C ILE D 151 7.19 25.07 -3.87
N VAL D 152 6.91 25.70 -5.01
CA VAL D 152 7.63 26.89 -5.45
C VAL D 152 6.63 28.05 -5.38
N ASP D 153 7.04 29.05 -4.64
CA ASP D 153 6.22 30.24 -4.41
C ASP D 153 6.90 31.37 -5.16
N THR D 154 7.79 32.11 -4.52
CA THR D 154 8.52 33.14 -5.30
C THR D 154 9.65 32.60 -6.14
N GLY D 155 10.15 31.41 -5.82
CA GLY D 155 11.24 30.78 -6.51
C GLY D 155 12.61 31.20 -5.95
N PHE D 156 12.63 31.89 -4.83
CA PHE D 156 13.85 32.39 -4.21
C PHE D 156 14.75 31.27 -3.71
N THR D 157 14.14 30.31 -2.98
CA THR D 157 14.97 29.23 -2.45
C THR D 157 15.72 28.49 -3.55
N LEU D 158 15.04 28.10 -4.62
CA LEU D 158 15.68 27.33 -5.67
C LEU D 158 16.61 28.20 -6.49
N THR D 159 16.35 29.50 -6.60
CA THR D 159 17.27 30.31 -7.40
C THR D 159 18.59 30.40 -6.64
N GLU D 160 18.50 30.78 -5.38
CA GLU D 160 19.71 30.97 -4.59
C GLU D 160 20.52 29.67 -4.46
N PHE D 161 19.84 28.54 -4.16
CA PHE D 161 20.64 27.30 -4.08
C PHE D 161 21.18 26.90 -5.43
N GLY D 162 20.36 27.10 -6.49
CA GLY D 162 20.80 26.67 -7.84
C GLY D 162 22.12 27.33 -8.25
N GLU D 163 22.32 28.61 -7.97
CA GLU D 163 23.59 29.27 -8.27
C GLU D 163 24.77 28.62 -7.58
N ARG D 164 24.60 28.26 -6.29
CA ARG D 164 25.67 27.62 -5.55
C ARG D 164 26.00 26.26 -6.14
N LEU D 165 24.97 25.53 -6.61
CA LEU D 165 25.22 24.22 -7.19
C LEU D 165 25.88 24.36 -8.56
N LYS D 166 25.48 25.40 -9.33
CA LYS D 166 26.08 25.59 -10.65
C LYS D 166 27.61 25.74 -10.55
N ALA D 167 28.03 26.41 -9.49
CA ALA D 167 29.43 26.66 -9.19
C ALA D 167 30.27 25.41 -9.12
N VAL D 168 29.73 24.22 -8.75
CA VAL D 168 30.61 23.06 -8.73
C VAL D 168 30.64 22.37 -10.07
N GLY D 169 29.88 22.82 -11.07
CA GLY D 169 29.93 22.17 -12.37
C GLY D 169 29.22 20.82 -12.52
N PRO D 170 27.95 20.76 -12.18
CA PRO D 170 27.19 19.51 -12.38
C PRO D 170 27.03 19.23 -13.87
N LYS D 171 26.76 18.01 -14.29
CA LYS D 171 26.49 17.71 -15.70
C LYS D 171 25.14 18.22 -16.15
N SER D 172 24.12 18.15 -15.30
CA SER D 172 22.82 18.71 -15.60
C SER D 172 22.07 19.04 -14.32
N MET D 173 21.09 19.93 -14.40
CA MET D 173 20.36 20.29 -13.19
C MET D 173 18.90 20.42 -13.56
N ARG D 174 18.04 19.73 -12.77
CA ARG D 174 16.60 19.86 -13.05
C ARG D 174 15.85 19.95 -11.70
N ILE D 175 14.61 20.41 -11.75
CA ILE D 175 13.78 20.63 -10.59
C ILE D 175 12.48 19.83 -10.68
N ALA D 176 12.19 19.07 -9.60
CA ALA D 176 10.92 18.45 -9.42
C ALA D 176 10.27 19.21 -8.23
N THR D 177 9.04 19.66 -8.41
CA THR D 177 8.33 20.31 -7.32
C THR D 177 6.88 19.84 -7.38
N LEU D 178 6.29 19.45 -6.24
CA LEU D 178 4.93 18.93 -6.27
C LEU D 178 3.97 20.01 -6.74
N VAL D 179 4.15 21.24 -6.20
CA VAL D 179 3.18 22.32 -6.55
C VAL D 179 3.90 23.62 -6.91
N GLU D 180 3.35 24.37 -7.85
CA GLU D 180 3.82 25.71 -8.15
C GLU D 180 2.64 26.66 -7.98
N LYS D 181 2.81 27.75 -7.24
CA LYS D 181 1.74 28.70 -7.03
C LYS D 181 1.66 29.72 -8.19
N ARG D 182 0.46 30.16 -8.54
CA ARG D 182 0.32 31.18 -9.60
C ARG D 182 0.37 32.53 -8.89
N THR D 183 1.52 33.13 -8.80
CA THR D 183 1.70 34.38 -8.04
C THR D 183 2.44 35.37 -8.90
N ASP D 184 1.88 36.52 -9.21
CA ASP D 184 2.53 37.54 -10.01
C ASP D 184 3.87 37.12 -10.61
N ASN D 187 8.47 36.93 -15.31
CA ASN D 187 8.56 36.90 -13.86
C ASN D 187 8.41 35.47 -13.35
N SER D 188 9.50 34.79 -12.97
CA SER D 188 9.57 33.55 -12.27
C SER D 188 10.15 32.20 -12.68
N LEU D 189 10.82 31.62 -11.62
CA LEU D 189 11.38 30.27 -11.69
C LEU D 189 10.30 29.19 -11.73
N LYS D 190 10.49 28.19 -12.58
CA LYS D 190 9.61 27.09 -12.87
C LYS D 190 10.34 25.75 -12.76
N GLY D 191 9.64 24.71 -12.30
CA GLY D 191 10.31 23.39 -12.27
C GLY D 191 10.20 22.66 -13.59
N ASP D 192 10.95 21.56 -13.71
CA ASP D 192 10.90 20.67 -14.83
C ASP D 192 9.86 19.57 -14.69
N PHE D 193 9.70 19.01 -13.49
CA PHE D 193 8.72 17.95 -13.23
C PHE D 193 7.78 18.49 -12.16
N VAL D 194 6.59 18.97 -12.54
CA VAL D 194 5.75 19.71 -11.61
C VAL D 194 4.38 19.00 -11.51
N GLY D 195 3.99 18.75 -10.31
CA GLY D 195 2.69 18.03 -10.15
C GLY D 195 1.50 18.92 -10.47
N PHE D 196 1.37 20.04 -9.76
CA PHE D 196 0.19 20.89 -9.85
C PHE D 196 0.48 22.39 -9.93
N SER D 197 -0.32 23.08 -10.72
CA SER D 197 -0.32 24.55 -10.72
C SER D 197 -1.54 24.95 -9.91
N ILE D 198 -1.36 25.70 -8.81
CA ILE D 198 -2.49 26.08 -7.99
C ILE D 198 -2.63 27.61 -7.82
N GLU D 199 -3.74 28.05 -7.25
CA GLU D 199 -3.86 29.48 -6.97
C GLU D 199 -2.97 29.85 -5.79
N ASP D 200 -2.75 31.15 -5.72
CA ASP D 200 -1.83 31.69 -4.67
C ASP D 200 -2.47 31.69 -3.32
N VAL D 201 -2.44 30.55 -2.59
CA VAL D 201 -3.02 30.41 -1.28
C VAL D 201 -2.01 29.64 -0.38
N TRP D 202 -2.10 29.71 0.93
CA TRP D 202 -1.16 28.95 1.75
C TRP D 202 -1.77 27.55 1.99
N ILE D 203 -0.98 26.53 1.73
CA ILE D 203 -1.49 25.15 1.87
C ILE D 203 -0.77 24.41 2.99
N VAL D 204 -1.49 23.46 3.60
CA VAL D 204 -0.97 22.63 4.68
C VAL D 204 -1.38 21.20 4.40
N GLY D 205 -0.64 20.36 5.07
CA GLY D 205 -0.94 18.91 4.91
C GLY D 205 -0.02 18.22 3.93
N CYS D 206 0.09 16.90 4.01
CA CYS D 206 1.00 16.17 3.12
C CYS D 206 2.43 16.67 3.14
N CYS D 207 2.92 16.96 4.34
CA CYS D 207 4.20 17.56 4.61
C CYS D 207 4.24 19.08 4.53
N TYR D 208 3.23 19.72 3.91
CA TYR D 208 3.23 21.17 3.90
C TYR D 208 2.84 21.64 5.32
N ASP D 209 3.59 22.64 5.83
CA ASP D 209 3.25 23.10 7.19
C ASP D 209 2.79 24.54 7.23
N PHE D 210 2.39 24.95 8.42
CA PHE D 210 2.13 26.33 8.83
C PHE D 210 2.76 26.40 10.24
N ASN D 211 3.94 26.93 10.36
CA ASN D 211 4.70 27.00 11.60
C ASN D 211 4.86 25.62 12.23
N GLU D 212 5.33 24.69 11.40
CA GLU D 212 5.56 23.30 11.76
C GLU D 212 4.36 22.45 12.08
N MET D 213 3.13 22.94 11.99
CA MET D 213 1.92 22.21 12.21
C MET D 213 1.40 21.62 10.90
N PHE D 214 0.56 20.61 10.97
CA PHE D 214 -0.16 19.99 9.89
C PHE D 214 0.62 19.07 8.96
N ARG D 215 1.93 18.88 9.16
CA ARG D 215 2.69 18.02 8.26
C ARG D 215 2.14 16.62 8.13
N ASP D 216 1.66 16.00 9.21
CA ASP D 216 1.17 14.64 9.12
C ASP D 216 -0.23 14.46 8.59
N PHE D 217 -0.96 15.56 8.36
CA PHE D 217 -2.29 15.36 7.77
C PHE D 217 -2.10 14.75 6.38
N ASP D 218 -3.00 13.93 5.93
CA ASP D 218 -2.86 13.11 4.73
C ASP D 218 -3.31 13.80 3.45
N HIS D 219 -3.90 14.98 3.55
CA HIS D 219 -4.42 15.62 2.33
C HIS D 219 -3.88 17.05 2.30
N VAL D 220 -3.95 17.66 1.13
CA VAL D 220 -3.45 19.00 0.98
C VAL D 220 -4.67 19.92 1.12
N ALA D 221 -4.67 20.70 2.18
CA ALA D 221 -5.75 21.61 2.50
C ALA D 221 -5.30 23.06 2.46
N VAL D 222 -6.34 23.91 2.34
CA VAL D 222 -6.07 25.36 2.30
C VAL D 222 -5.96 25.79 3.75
N LEU D 223 -5.05 26.69 4.08
CA LEU D 223 -4.92 27.20 5.44
C LEU D 223 -6.16 28.01 5.85
N SER D 224 -6.97 27.51 6.81
CA SER D 224 -8.17 28.28 7.18
C SER D 224 -7.87 29.44 8.16
N ASP D 225 -8.96 30.22 8.39
CA ASP D 225 -8.76 31.29 9.39
C ASP D 225 -8.46 30.70 10.77
N ALA D 226 -9.27 29.77 11.22
CA ALA D 226 -9.06 29.09 12.48
C ALA D 226 -7.63 28.55 12.62
N ALA D 227 -7.11 27.94 11.59
CA ALA D 227 -5.75 27.39 11.55
C ALA D 227 -4.73 28.50 11.73
N ARG D 228 -4.88 29.54 10.90
CA ARG D 228 -3.96 30.67 10.97
C ARG D 228 -3.96 31.32 12.35
N LYS D 229 -5.14 31.59 12.90
CA LYS D 229 -5.17 32.24 14.23
C LYS D 229 -4.62 31.34 15.32
N LYS D 230 -4.96 30.05 15.28
CA LYS D 230 -4.46 29.13 16.30
C LYS D 230 -2.97 28.98 16.26
N PHE D 231 -2.41 28.76 15.06
CA PHE D 231 -0.99 28.47 14.93
C PHE D 231 -0.09 29.60 14.54
N GLU D 232 -0.52 30.80 14.25
CA GLU D 232 0.36 31.93 14.00
C GLU D 232 1.45 32.11 15.07
N LYS D 233 2.68 32.40 14.70
CA LYS D 233 3.75 32.60 15.68
C LYS D 233 3.66 34.02 16.25
P IMP E . -7.19 -30.10 -0.46
O1P IMP E . -7.01 -31.14 0.60
O2P IMP E . -5.92 -30.00 -1.25
O3P IMP E . -8.43 -30.34 -1.35
O5' IMP E . -7.47 -28.64 0.16
C5' IMP E . -8.81 -28.17 0.07
C4' IMP E . -9.06 -26.82 0.67
O4' IMP E . -8.90 -27.06 2.11
C3' IMP E . -8.14 -25.64 0.38
O3' IMP E . -8.53 -24.90 -0.77
C2' IMP E . -8.27 -24.77 1.60
O2' IMP E . -9.28 -23.79 1.46
C1' IMP E . -8.59 -25.80 2.70
N9 IMP E . -7.37 -26.04 3.50
C8 IMP E . -6.42 -27.02 3.42
N7 IMP E . -5.48 -26.89 4.32
C5 IMP E . -5.83 -25.77 5.04
C6 IMP E . -5.17 -25.12 6.13
O6 IMP E . -4.14 -25.47 6.69
N1 IMP E . -5.83 -23.94 6.54
C2 IMP E . -7.00 -23.49 5.96
N3 IMP E . -7.59 -24.09 4.92
C4 IMP E . -6.97 -25.21 4.54
P IMP F . -28.64 -1.15 -11.73
O1P IMP F . -28.61 -0.21 -10.58
O2P IMP F . -29.29 -2.45 -11.39
O3P IMP F . -29.30 -0.39 -12.95
O5' IMP F . -27.18 -1.40 -12.35
C5' IMP F . -26.27 -2.08 -11.52
C4' IMP F . -25.17 -2.79 -12.33
O4' IMP F . -25.05 -2.28 -13.70
C3' IMP F . -23.82 -2.51 -11.62
O3' IMP F . -23.77 -3.40 -10.52
C2' IMP F . -22.82 -2.61 -12.74
O2' IMP F . -22.43 -3.96 -13.02
C1' IMP F . -23.64 -2.09 -13.94
N9 IMP F . -23.39 -0.65 -14.22
C8 IMP F . -24.20 0.44 -14.11
N7 IMP F . -23.63 1.57 -14.46
C5 IMP F . -22.37 1.17 -14.86
C6 IMP F . -21.31 1.98 -15.35
O6 IMP F . -21.38 3.20 -15.53
N1 IMP F . -20.16 1.24 -15.60
C2 IMP F . -20.07 -0.14 -15.39
N3 IMP F . -21.09 -0.89 -14.94
C4 IMP F . -22.19 -0.17 -14.67
P IMP G . 27.84 2.33 15.40
O1P IMP G . 29.01 1.41 15.42
O2P IMP G . 26.73 1.83 16.21
O3P IMP G . 28.08 3.80 15.83
O5' IMP G . 27.47 2.24 13.83
C5' IMP G . 26.17 2.64 13.46
C4' IMP G . 26.26 3.39 12.11
O4' IMP G . 27.09 2.66 11.16
C3' IMP G . 24.85 3.51 11.55
O3' IMP G . 24.56 4.90 11.40
C2' IMP G . 24.85 2.83 10.19
O2' IMP G . 24.33 3.73 9.22
C1' IMP G . 26.27 2.31 10.03
N9 IMP G . 26.24 0.81 10.06
C8 IMP G . 26.64 -0.06 11.07
N7 IMP G . 26.48 -1.35 10.72
C5 IMP G . 25.91 -1.29 9.45
C6 IMP G . 25.54 -2.38 8.61
O6 IMP G . 25.66 -3.57 8.89
N1 IMP G . 25.10 -1.92 7.36
C2 IMP G . 25.00 -0.57 7.05
N3 IMP G . 25.35 0.45 7.84
C4 IMP G . 25.80 0.02 9.04
P IMP H . 9.83 30.14 -2.28
O1P IMP H . 9.21 31.48 -2.14
O2P IMP H . 9.62 29.58 -3.64
O3P IMP H . 11.35 30.22 -1.98
O5' IMP H . 9.18 29.22 -1.16
C5' IMP H . 10.07 28.31 -0.49
C4' IMP H . 9.47 27.63 0.71
O4' IMP H . 8.29 28.25 1.28
C3' IMP H . 8.99 26.26 0.23
O3' IMP H . 10.06 25.34 0.16
C2' IMP H . 7.91 25.84 1.17
O2' IMP H . 8.26 24.75 1.99
C1' IMP H . 7.48 27.18 1.81
N9 IMP H . 6.10 27.43 1.32
C8 IMP H . 5.68 28.29 0.31
N7 IMP H . 4.38 28.28 0.13
C5 IMP H . 3.93 27.34 1.07
C6 IMP H . 2.60 26.96 1.35
O6 IMP H . 1.59 27.33 0.79
N1 IMP H . 2.56 26.04 2.40
C2 IMP H . 3.69 25.61 3.07
N3 IMP H . 4.93 25.93 2.80
C4 IMP H . 4.97 26.84 1.80
#